data_7XGX
#
_entry.id   7XGX
#
_cell.length_a   75.055
_cell.length_b   75.863
_cell.length_c   126.644
_cell.angle_alpha   90.000
_cell.angle_beta   90.240
_cell.angle_gamma   90.000
#
_symmetry.space_group_name_H-M   'P 1 21 1'
#
loop_
_entity.id
_entity.type
_entity.pdbx_description
1 polymer Lgt2
2 non-polymer "URIDINE-5'-DIPHOSPHATE-GLUCOSE"
3 water water
#
_entity_poly.entity_id   1
_entity_poly.type   'polypeptide(L)'
_entity_poly.pdbx_seq_one_letter_code
;MGSSHHHHHHSSGLVPRGSMSEQYWRFKLMTEGGCNQNEATRLITVLKRKLKPFPEESINKLFENDNFCNRLSSYMAYGF
GAAEEWIKKQQILSNIQPLTSEQRVDITPEKDTVSDNKPNIFGAAITFGKSPVVKLLKQNAREICESILMDEPNLKQVEY
IFRLLALQVQETYSGEQAEKLYECIRDKKPIPSKFEEILLPIVNRIKENHTEILNESKRNHLGVTIQLNDPYSFSTKNSF
CIWFSNNPNSAMPKKIKDILEERAKQNAPGVTKLVYSRACLTKKENTNFVQWAKENGITLLDFDELKCQGEDLELWNLAQ
AELKAMREGKGGNPAAASDLVRWISGVIGDVPIAYVDADMPMLTGNKSIKSEEVYAGHPVLLNMGSALVKDGVNLPMENV
AFNTDIINFTGECKDRSIAIKRIAQSLIGNYLHVTERISKSGNPELKRLGLMPGYHQLLKDCEENNNKLSLPMLRKALTQ
AHSNLSSYVRFIGVQRFAEMVGAPEDAPLFQEALQQGNTIVLTNALVAYLVHGMDNVSRLNSSEKENLIKKYLGTQLSLL
YKPLVMEFSGPCAVTREILPLLPTGEPTRYIENLKQPDAQILRVLQTHACVAGKTNFTSDNIPNWITSSEEVERTQSLRT
DGLSWMPSEQARLSK
;
_entity_poly.pdbx_strand_id   A,B
#
loop_
_chem_comp.id
_chem_comp.type
_chem_comp.name
_chem_comp.formula
UPG non-polymer URIDINE-5'-DIPHOSPHATE-GLUCOSE 'C15 H24 N2 O17 P2'
#
# COMPACT_ATOMS: atom_id res chain seq x y z
N GLU A 22 16.54 42.14 -6.58
CA GLU A 22 17.53 43.20 -6.67
C GLU A 22 17.60 43.87 -8.02
N GLN A 23 16.77 43.43 -8.94
CA GLN A 23 16.85 43.94 -10.27
C GLN A 23 16.60 45.42 -10.29
N TYR A 24 15.45 45.77 -9.78
CA TYR A 24 14.96 47.13 -9.75
C TYR A 24 15.52 48.34 -9.06
N TRP A 25 16.38 48.09 -8.09
CA TRP A 25 17.32 48.94 -7.40
C TRP A 25 18.13 49.91 -8.21
N ARG A 26 18.95 49.39 -9.10
CA ARG A 26 19.74 50.21 -9.94
C ARG A 26 18.96 51.18 -10.78
N PHE A 27 17.79 50.81 -11.29
CA PHE A 27 16.99 51.71 -12.08
C PHE A 27 16.70 52.94 -11.30
N LYS A 28 16.18 52.77 -10.11
CA LYS A 28 15.84 53.89 -9.27
C LYS A 28 17.03 54.75 -8.96
N LEU A 29 18.14 54.13 -8.65
CA LEU A 29 19.34 54.85 -8.36
C LEU A 29 19.76 55.65 -9.55
N MET A 30 19.73 55.06 -10.72
CA MET A 30 20.12 55.75 -11.90
C MET A 30 19.09 56.69 -12.46
N THR A 31 17.88 56.59 -12.01
CA THR A 31 16.82 57.42 -12.54
C THR A 31 16.38 58.43 -11.54
N GLU A 32 16.59 58.18 -10.27
CA GLU A 32 16.14 59.11 -9.26
C GLU A 32 17.18 59.46 -8.26
N GLY A 33 18.24 58.70 -8.20
CA GLY A 33 19.25 58.94 -7.20
C GLY A 33 20.53 59.52 -7.68
N GLY A 34 20.56 59.94 -8.92
CA GLY A 34 21.74 60.57 -9.45
C GLY A 34 22.92 59.68 -9.67
N CYS A 35 22.68 58.41 -9.81
CA CYS A 35 23.79 57.51 -10.09
C CYS A 35 23.93 57.35 -11.60
N ASN A 36 24.95 56.63 -11.91
CA ASN A 36 25.24 56.11 -13.18
C ASN A 36 25.46 54.59 -12.94
N GLN A 37 25.96 53.96 -13.97
CA GLN A 37 26.26 52.56 -13.89
C GLN A 37 27.10 52.06 -12.71
N ASN A 38 28.31 52.56 -12.58
CA ASN A 38 29.30 52.06 -11.62
C ASN A 38 28.95 52.51 -10.21
N GLU A 39 28.59 53.79 -10.03
CA GLU A 39 28.19 54.22 -8.70
C GLU A 39 26.82 53.66 -8.33
N ALA A 40 25.95 53.44 -9.32
CA ALA A 40 24.67 52.79 -9.05
C ALA A 40 24.88 51.39 -8.48
N THR A 41 25.73 50.59 -9.14
CA THR A 41 26.15 49.31 -8.57
C THR A 41 26.99 49.52 -7.32
N ARG A 42 27.96 50.40 -7.45
CA ARG A 42 28.83 50.68 -6.37
C ARG A 42 28.03 50.89 -5.13
N LEU A 43 27.06 51.77 -5.17
CA LEU A 43 26.28 51.98 -3.99
C LEU A 43 25.81 50.70 -3.37
N ILE A 44 25.14 49.88 -4.14
CA ILE A 44 24.58 48.66 -3.56
C ILE A 44 25.67 47.81 -2.91
N THR A 45 26.84 47.70 -3.56
CA THR A 45 27.91 46.90 -2.97
C THR A 45 28.27 47.40 -1.58
N VAL A 46 28.21 48.71 -1.34
CA VAL A 46 28.37 49.26 -0.01
C VAL A 46 27.05 49.59 0.70
N LEU A 47 25.92 49.74 -0.01
CA LEU A 47 24.64 50.03 0.64
C LEU A 47 24.11 48.87 1.48
N LYS A 48 24.70 47.71 1.38
CA LYS A 48 24.16 46.62 2.17
C LYS A 48 24.80 46.08 3.37
N ARG A 49 26.04 46.51 3.53
CA ARG A 49 26.92 46.57 4.69
C ARG A 49 26.48 47.48 5.84
N LYS A 50 25.50 47.02 6.62
CA LYS A 50 24.94 47.72 7.74
C LYS A 50 24.50 46.71 8.79
N GLU A 57 20.60 42.04 4.74
CA GLU A 57 20.08 42.24 3.41
C GLU A 57 19.08 43.32 3.37
N SER A 58 18.14 43.23 2.43
CA SER A 58 17.07 44.23 2.44
C SER A 58 17.36 45.72 2.21
N ILE A 59 17.90 46.03 1.05
CA ILE A 59 18.10 47.40 0.70
C ILE A 59 16.72 47.97 0.58
N ASN A 60 15.86 47.30 -0.17
CA ASN A 60 14.50 47.72 -0.48
C ASN A 60 13.52 48.45 0.41
N LYS A 61 13.78 48.64 1.69
CA LYS A 61 12.86 49.45 2.47
C LYS A 61 13.02 50.88 1.96
N LEU A 62 14.27 51.28 1.78
CA LEU A 62 14.61 52.59 1.35
C LEU A 62 13.90 52.99 0.10
N PHE A 63 13.86 52.08 -0.86
CA PHE A 63 13.28 52.45 -2.13
C PHE A 63 11.80 52.65 -2.27
N GLU A 64 11.03 52.29 -1.27
CA GLU A 64 9.59 52.33 -1.31
C GLU A 64 8.92 53.60 -0.91
N ASN A 65 9.69 54.65 -0.89
CA ASN A 65 9.26 55.94 -0.38
C ASN A 65 9.86 57.06 -1.21
N ASP A 66 11.00 56.80 -1.82
CA ASP A 66 11.88 57.77 -2.47
C ASP A 66 12.44 58.88 -1.61
N ASN A 67 12.74 58.60 -0.39
CA ASN A 67 13.24 59.68 0.45
C ASN A 67 14.73 59.52 0.62
N PHE A 68 15.18 58.28 0.54
CA PHE A 68 16.61 58.02 0.49
C PHE A 68 17.17 58.47 -0.86
N CYS A 69 16.39 58.28 -1.92
CA CYS A 69 16.87 58.65 -3.25
C CYS A 69 16.88 60.16 -3.46
N ASN A 70 15.93 60.89 -2.88
CA ASN A 70 15.99 62.34 -2.95
C ASN A 70 17.22 62.87 -2.24
N ARG A 71 17.42 62.47 -0.98
CA ARG A 71 18.61 62.88 -0.26
C ARG A 71 19.87 62.40 -0.97
N LEU A 72 19.91 61.12 -1.38
CA LEU A 72 21.10 60.57 -2.00
C LEU A 72 21.46 61.29 -3.30
N SER A 73 20.49 61.90 -3.97
CA SER A 73 20.80 62.67 -5.18
C SER A 73 21.40 64.04 -4.86
N SER A 74 20.98 64.65 -3.74
CA SER A 74 21.56 65.91 -3.31
C SER A 74 23.05 65.73 -2.98
N TYR A 75 23.37 64.69 -2.20
CA TYR A 75 24.76 64.36 -1.91
C TYR A 75 25.49 63.95 -3.18
N MET A 76 24.90 63.03 -3.95
CA MET A 76 25.48 62.61 -5.23
C MET A 76 25.95 63.79 -6.06
N ALA A 77 25.23 64.92 -5.99
CA ALA A 77 25.58 66.09 -6.82
C ALA A 77 26.99 66.60 -6.55
N TYR A 78 27.55 66.28 -5.39
CA TYR A 78 28.93 66.64 -5.06
C TYR A 78 29.85 65.43 -5.08
N GLY A 79 29.57 64.45 -5.94
CA GLY A 79 30.45 63.32 -6.10
C GLY A 79 30.01 62.10 -5.29
N PHE A 80 30.48 60.93 -5.75
CA PHE A 80 30.15 59.68 -5.08
C PHE A 80 30.68 59.65 -3.66
N GLY A 81 31.91 60.15 -3.45
CA GLY A 81 32.46 60.16 -2.12
C GLY A 81 31.57 60.89 -1.12
N ALA A 82 30.95 61.98 -1.56
CA ALA A 82 30.04 62.74 -0.69
C ALA A 82 28.83 61.90 -0.27
N ALA A 83 28.36 61.02 -1.16
CA ALA A 83 27.22 60.17 -0.85
C ALA A 83 27.63 59.00 0.03
N GLU A 84 28.73 58.34 -0.30
CA GLU A 84 29.17 57.20 0.49
C GLU A 84 29.58 57.60 1.90
N GLU A 85 30.07 58.83 2.04
CA GLU A 85 30.41 59.32 3.38
C GLU A 85 29.16 59.59 4.21
N TRP A 86 28.08 60.04 3.56
CA TRP A 86 26.85 60.31 4.30
C TRP A 86 26.18 59.02 4.73
N ILE A 87 26.25 57.96 3.93
CA ILE A 87 25.67 56.68 4.34
C ILE A 87 26.47 56.09 5.49
N LYS A 88 27.77 56.38 5.56
CA LYS A 88 28.60 55.87 6.64
C LYS A 88 28.19 56.48 7.98
N LYS A 89 28.25 57.81 8.07
CA LYS A 89 27.99 58.52 9.32
C LYS A 89 26.51 58.61 9.67
N GLN A 90 25.66 57.98 8.88
CA GLN A 90 24.22 58.07 9.11
C GLN A 90 23.84 57.07 10.19
N GLN A 91 22.98 57.51 11.10
CA GLN A 91 22.63 56.68 12.26
C GLN A 91 21.73 55.52 11.87
N ILE A 92 20.68 55.78 11.11
CA ILE A 92 19.79 54.73 10.61
C ILE A 92 19.12 55.24 9.36
N LEU A 93 19.22 54.45 8.29
CA LEU A 93 18.62 54.74 6.99
C LEU A 93 17.12 54.47 7.01
N SER A 94 16.45 54.93 5.95
CA SER A 94 14.99 54.85 5.85
C SER A 94 14.39 55.77 6.92
N ASN A 95 15.28 56.39 7.71
CA ASN A 95 14.91 57.33 8.75
C ASN A 95 15.12 58.78 8.26
N ILE A 96 15.18 58.92 6.94
CA ILE A 96 15.46 60.16 6.24
C ILE A 96 14.16 60.94 6.05
N GLN A 97 14.20 62.22 6.37
CA GLN A 97 13.10 63.15 6.17
C GLN A 97 13.64 64.38 5.46
N PRO A 98 12.84 65.04 4.63
CA PRO A 98 13.35 66.18 3.85
C PRO A 98 14.14 67.19 4.69
N LEU A 99 14.84 68.09 4.01
CA LEU A 99 15.71 69.07 4.65
C LEU A 99 14.94 70.35 4.97
N THR A 100 15.61 71.22 5.74
CA THR A 100 15.02 72.48 6.18
C THR A 100 13.96 72.23 7.25
N PRO A 119 21.31 61.73 -20.71
CA PRO A 119 20.06 62.47 -20.97
C PRO A 119 18.85 61.78 -20.29
N ASN A 120 18.48 62.27 -19.10
CA ASN A 120 17.44 61.66 -18.27
C ASN A 120 16.08 62.25 -18.63
N ILE A 121 15.53 61.79 -19.77
CA ILE A 121 14.18 62.18 -20.16
C ILE A 121 13.17 61.68 -19.14
N PHE A 122 13.23 60.39 -18.84
CA PHE A 122 12.52 59.87 -17.68
C PHE A 122 13.22 60.39 -16.43
N GLY A 123 12.44 60.85 -15.47
CA GLY A 123 13.08 61.48 -14.33
C GLY A 123 12.98 62.98 -14.48
N ALA A 124 13.35 63.48 -15.66
CA ALA A 124 12.95 64.82 -16.03
C ALA A 124 11.44 64.85 -16.27
N ALA A 125 10.90 63.78 -16.86
CA ALA A 125 9.47 63.67 -17.07
C ALA A 125 8.70 63.61 -15.75
N ILE A 126 9.29 63.05 -14.70
CA ILE A 126 8.61 62.98 -13.42
C ILE A 126 8.87 64.21 -12.55
N THR A 127 9.88 65.02 -12.87
CA THR A 127 10.15 66.25 -12.14
C THR A 127 9.26 67.22 -12.92
N PHE A 128 8.22 67.72 -12.26
CA PHE A 128 7.50 68.90 -12.71
C PHE A 128 6.53 69.18 -13.85
N GLY A 129 5.45 68.41 -13.89
CA GLY A 129 4.66 68.02 -15.05
C GLY A 129 3.81 69.13 -15.60
N LYS A 130 4.19 70.38 -15.29
CA LYS A 130 3.53 71.52 -15.92
C LYS A 130 3.97 71.72 -17.36
N SER A 131 5.09 71.10 -17.68
CA SER A 131 5.63 71.10 -18.99
C SER A 131 4.60 70.54 -19.89
N PRO A 132 4.46 71.11 -21.04
CA PRO A 132 3.45 70.68 -21.99
C PRO A 132 3.54 69.24 -22.39
N VAL A 133 4.72 68.68 -22.56
CA VAL A 133 4.78 67.28 -22.97
C VAL A 133 4.55 66.37 -21.82
N VAL A 134 4.86 66.78 -20.62
CA VAL A 134 4.61 65.93 -19.51
C VAL A 134 3.10 65.78 -19.37
N LYS A 135 2.40 66.88 -19.55
CA LYS A 135 0.97 66.93 -19.47
C LYS A 135 0.33 66.08 -20.52
N LEU A 136 0.91 65.99 -21.71
CA LEU A 136 0.33 65.19 -22.77
C LEU A 136 0.50 63.70 -22.63
N LEU A 137 1.53 63.28 -21.95
CA LEU A 137 1.73 61.86 -21.78
C LEU A 137 0.78 61.43 -20.70
N LYS A 138 0.70 62.22 -19.64
CA LYS A 138 -0.19 62.00 -18.57
C LYS A 138 -1.61 61.86 -19.02
N GLN A 139 -2.07 62.68 -19.92
CA GLN A 139 -3.42 62.59 -20.35
C GLN A 139 -3.50 61.28 -21.05
N ASN A 140 -2.55 60.95 -21.88
CA ASN A 140 -2.62 59.68 -22.57
C ASN A 140 -2.70 58.48 -21.60
N ALA A 141 -2.03 58.57 -20.48
CA ALA A 141 -2.02 57.58 -19.47
C ALA A 141 -3.42 57.44 -19.01
N ARG A 142 -4.07 58.54 -18.69
CA ARG A 142 -5.45 58.51 -18.29
C ARG A 142 -6.34 57.89 -19.34
N GLU A 143 -6.12 58.16 -20.62
CA GLU A 143 -6.93 57.57 -21.67
C GLU A 143 -6.66 56.09 -21.76
N ILE A 144 -5.42 55.73 -21.58
CA ILE A 144 -5.02 54.37 -21.64
C ILE A 144 -5.69 53.57 -20.55
N CYS A 145 -5.71 54.13 -19.36
CA CYS A 145 -6.28 53.45 -18.26
C CYS A 145 -7.72 53.18 -18.47
N GLU A 146 -8.45 54.16 -18.99
CA GLU A 146 -9.86 54.01 -19.22
C GLU A 146 -10.21 52.98 -20.27
N SER A 147 -9.35 52.74 -21.23
CA SER A 147 -9.59 51.72 -22.21
C SER A 147 -9.00 50.39 -21.81
N ILE A 148 -8.46 50.28 -20.61
CA ILE A 148 -7.81 49.07 -20.20
C ILE A 148 -8.37 48.54 -18.90
N LEU A 149 -8.96 49.42 -18.12
CA LEU A 149 -9.47 49.03 -16.81
C LEU A 149 -10.99 48.87 -16.85
N MET A 150 -11.54 48.45 -15.70
CA MET A 150 -12.97 48.25 -15.52
C MET A 150 -13.65 49.40 -14.77
N ASP A 151 -12.89 50.23 -14.06
CA ASP A 151 -13.44 51.29 -13.24
C ASP A 151 -12.70 52.60 -13.53
N GLU A 152 -12.84 53.57 -12.62
CA GLU A 152 -12.28 54.91 -12.73
C GLU A 152 -10.82 54.85 -12.28
N PRO A 153 -9.87 54.93 -13.21
CA PRO A 153 -8.46 54.82 -12.84
C PRO A 153 -8.10 55.68 -11.64
N ASN A 154 -7.22 55.15 -10.81
CA ASN A 154 -6.77 55.74 -9.56
C ASN A 154 -5.33 56.27 -9.72
N LEU A 155 -5.01 57.33 -8.95
CA LEU A 155 -3.71 58.02 -9.04
C LEU A 155 -2.55 57.10 -9.42
N LYS A 156 -2.31 56.07 -8.59
CA LYS A 156 -1.21 55.13 -8.83
C LYS A 156 -1.35 54.40 -10.15
N GLN A 157 -2.59 54.09 -10.55
CA GLN A 157 -2.78 53.43 -11.84
C GLN A 157 -2.39 54.36 -12.97
N VAL A 158 -2.65 55.65 -12.82
CA VAL A 158 -2.21 56.63 -13.82
C VAL A 158 -0.69 56.77 -13.79
N GLU A 159 -0.11 56.87 -12.58
CA GLU A 159 1.34 56.96 -12.46
C GLU A 159 2.02 55.78 -13.14
N TYR A 160 1.48 54.57 -12.98
CA TYR A 160 2.07 53.37 -13.59
C TYR A 160 2.13 53.51 -15.11
N ILE A 161 1.00 53.84 -15.73
CA ILE A 161 1.00 53.94 -17.19
C ILE A 161 1.76 55.17 -17.66
N PHE A 162 1.82 56.22 -16.84
CA PHE A 162 2.58 57.40 -17.23
C PHE A 162 4.07 57.10 -17.30
N ARG A 163 4.63 56.49 -16.25
CA ARG A 163 6.04 56.13 -16.28
C ARG A 163 6.33 55.11 -17.37
N LEU A 164 5.37 54.22 -17.67
CA LEU A 164 5.54 53.34 -18.81
C LEU A 164 5.71 54.12 -20.11
N LEU A 165 4.90 55.16 -20.31
CA LEU A 165 5.08 56.02 -21.49
C LEU A 165 6.46 56.67 -21.47
N ALA A 166 6.83 57.28 -20.34
CA ALA A 166 8.06 58.05 -20.26
C ALA A 166 9.28 57.20 -20.59
N LEU A 167 9.40 56.03 -19.95
CA LEU A 167 10.53 55.14 -20.23
C LEU A 167 10.52 54.68 -21.69
N GLN A 168 9.33 54.43 -22.23
CA GLN A 168 9.28 54.03 -23.63
C GLN A 168 9.72 55.16 -24.56
N VAL A 169 9.28 56.38 -24.27
CA VAL A 169 9.67 57.52 -25.10
C VAL A 169 11.16 57.78 -24.97
N GLN A 170 11.71 57.60 -23.76
CA GLN A 170 13.14 57.76 -23.56
C GLN A 170 13.94 56.66 -24.25
N GLU A 171 13.32 55.51 -24.53
CA GLU A 171 13.99 54.45 -25.29
C GLU A 171 13.81 54.64 -26.78
N THR A 172 12.71 55.26 -27.20
CA THR A 172 12.50 55.56 -28.60
C THR A 172 13.36 56.73 -29.08
N TYR A 173 13.80 57.60 -28.17
CA TYR A 173 14.65 58.73 -28.51
C TYR A 173 16.11 58.44 -28.20
N SER A 174 16.99 58.82 -29.12
CA SER A 174 18.43 58.66 -28.96
C SER A 174 19.15 59.66 -29.85
N GLY A 175 20.26 60.20 -29.36
CA GLY A 175 20.99 61.22 -30.10
C GLY A 175 20.75 62.63 -29.62
N GLU A 176 20.88 63.61 -30.52
CA GLU A 176 20.71 65.00 -30.11
C GLU A 176 19.23 65.34 -29.89
N GLN A 177 18.34 64.91 -30.79
CA GLN A 177 16.92 65.23 -30.62
C GLN A 177 16.41 64.76 -29.25
N ALA A 178 16.98 63.66 -28.73
CA ALA A 178 16.65 63.21 -27.38
C ALA A 178 17.20 64.19 -26.34
N GLU A 179 18.46 64.60 -26.49
CA GLU A 179 19.00 65.70 -25.70
C GLU A 179 18.11 66.93 -25.81
N LYS A 180 17.63 67.21 -27.03
CA LYS A 180 16.67 68.29 -27.24
C LYS A 180 15.43 68.07 -26.38
N LEU A 181 14.79 66.91 -26.53
CA LEU A 181 13.55 66.64 -25.80
C LEU A 181 13.76 66.80 -24.31
N TYR A 182 14.85 66.25 -23.77
CA TYR A 182 15.14 66.44 -22.35
C TYR A 182 15.26 67.90 -22.00
N GLU A 183 15.93 68.69 -22.87
CA GLU A 183 15.98 70.14 -22.67
C GLU A 183 14.60 70.78 -22.79
N CYS A 184 13.81 70.34 -23.79
CA CYS A 184 12.49 70.94 -23.99
C CYS A 184 11.60 70.72 -22.77
N ILE A 185 11.56 69.50 -22.24
CA ILE A 185 10.71 69.21 -21.07
C ILE A 185 11.23 69.99 -19.87
N ARG A 186 12.54 70.16 -19.75
CA ARG A 186 13.13 70.89 -18.64
C ARG A 186 13.19 72.39 -18.90
N ASP A 187 12.72 72.85 -20.07
CA ASP A 187 12.41 74.26 -20.31
C ASP A 187 10.93 74.46 -20.62
N LYS A 188 10.09 73.49 -20.27
CA LYS A 188 8.63 73.47 -20.45
C LYS A 188 8.04 74.22 -21.64
N LYS A 189 8.52 73.98 -22.86
CA LYS A 189 7.82 74.58 -24.00
C LYS A 189 7.06 73.50 -24.76
N PRO A 190 6.37 73.82 -25.85
CA PRO A 190 5.35 72.90 -26.36
C PRO A 190 5.92 71.64 -26.99
N ILE A 191 5.01 70.70 -27.23
CA ILE A 191 5.35 69.41 -27.82
C ILE A 191 5.83 69.62 -29.26
N PRO A 192 7.00 69.10 -29.62
CA PRO A 192 7.49 69.31 -30.99
C PRO A 192 6.53 68.74 -32.03
N SER A 193 6.75 69.14 -33.28
CA SER A 193 5.95 68.61 -34.38
C SER A 193 6.10 67.09 -34.47
N LYS A 194 4.97 66.42 -34.69
CA LYS A 194 4.87 64.96 -34.84
C LYS A 194 5.23 64.18 -33.59
N PHE A 195 5.35 64.83 -32.43
CA PHE A 195 5.56 64.08 -31.19
C PHE A 195 4.38 63.16 -30.91
N GLU A 196 3.17 63.62 -31.22
CA GLU A 196 1.96 62.83 -31.06
C GLU A 196 1.81 61.72 -32.09
N GLU A 197 2.66 61.69 -33.12
CA GLU A 197 2.70 60.55 -34.05
C GLU A 197 3.80 59.53 -33.71
N ILE A 198 4.92 59.97 -33.11
CA ILE A 198 5.84 58.99 -32.56
C ILE A 198 5.18 58.32 -31.37
N LEU A 199 4.32 59.06 -30.67
CA LEU A 199 3.71 58.59 -29.44
C LEU A 199 2.54 57.64 -29.68
N LEU A 200 1.97 57.60 -30.90
CA LEU A 200 0.81 56.73 -31.11
C LEU A 200 1.20 55.25 -31.11
N PRO A 201 2.16 54.80 -31.92
CA PRO A 201 2.57 53.39 -31.81
C PRO A 201 2.96 53.00 -30.39
N ILE A 202 3.61 53.91 -29.66
CA ILE A 202 3.98 53.62 -28.27
C ILE A 202 2.73 53.43 -27.41
N VAL A 203 1.74 54.31 -27.58
CA VAL A 203 0.53 54.21 -26.78
C VAL A 203 -0.26 52.96 -27.15
N ASN A 204 -0.30 52.62 -28.44
CA ASN A 204 -1.03 51.43 -28.85
C ASN A 204 -0.37 50.16 -28.35
N ARG A 205 0.96 50.16 -28.24
CA ARG A 205 1.65 48.98 -27.68
C ARG A 205 1.34 48.83 -26.20
N ILE A 206 1.54 49.89 -25.41
CA ILE A 206 1.21 49.82 -23.98
C ILE A 206 -0.24 49.39 -23.78
N LYS A 207 -1.14 49.90 -24.63
CA LYS A 207 -2.55 49.56 -24.51
C LYS A 207 -2.79 48.10 -24.90
N GLU A 208 -2.20 47.66 -26.00
CA GLU A 208 -2.36 46.27 -26.43
C GLU A 208 -1.82 45.30 -25.38
N ASN A 209 -0.68 45.64 -24.76
CA ASN A 209 -0.08 44.74 -23.78
C ASN A 209 -0.98 44.52 -22.58
N HIS A 210 -1.95 45.40 -22.34
CA HIS A 210 -2.81 45.28 -21.17
C HIS A 210 -4.24 44.90 -21.51
N THR A 211 -4.51 44.50 -22.78
CA THR A 211 -5.85 44.15 -23.21
C THR A 211 -5.92 42.85 -23.98
N GLU A 212 -4.90 42.54 -24.78
CA GLU A 212 -4.87 41.30 -25.54
C GLU A 212 -4.41 40.15 -24.64
N ILE A 213 -5.15 39.03 -24.68
CA ILE A 213 -4.79 37.85 -23.92
C ILE A 213 -3.40 37.38 -24.33
N LEU A 214 -2.57 37.03 -23.35
CA LEU A 214 -1.27 36.45 -23.67
C LEU A 214 -1.43 35.36 -24.72
N ASN A 215 -0.65 35.45 -25.78
CA ASN A 215 -0.74 34.36 -26.74
C ASN A 215 -0.02 33.13 -26.18
N GLU A 216 -0.24 31.99 -26.84
CA GLU A 216 0.23 30.72 -26.31
C GLU A 216 1.75 30.66 -26.19
N SER A 217 2.49 31.54 -26.87
CA SER A 217 3.94 31.51 -26.73
C SER A 217 4.39 32.07 -25.39
N LYS A 218 3.63 33.00 -24.79
CA LYS A 218 3.93 33.57 -23.49
C LYS A 218 3.37 32.75 -22.33
N ARG A 219 2.69 31.64 -22.62
CA ARG A 219 2.08 30.80 -21.59
C ARG A 219 2.71 29.41 -21.55
N ASN A 220 3.89 29.25 -22.10
CA ASN A 220 4.59 27.97 -22.11
C ASN A 220 5.21 27.74 -20.74
N HIS A 221 4.62 26.84 -19.96
CA HIS A 221 5.07 26.53 -18.61
C HIS A 221 5.51 25.07 -18.57
N LEU A 222 6.79 24.85 -18.31
CA LEU A 222 7.33 23.50 -18.28
C LEU A 222 7.05 22.77 -19.59
N GLY A 223 7.14 23.49 -20.70
CA GLY A 223 6.92 22.89 -21.99
C GLY A 223 5.47 22.63 -22.34
N VAL A 224 4.53 23.14 -21.54
CA VAL A 224 3.12 22.91 -21.76
C VAL A 224 2.39 24.25 -21.70
N THR A 225 1.52 24.50 -22.68
CA THR A 225 0.80 25.77 -22.74
C THR A 225 -0.22 25.84 -21.60
N ILE A 226 -0.21 26.95 -20.87
CA ILE A 226 -1.24 27.17 -19.85
C ILE A 226 -2.52 27.57 -20.59
N GLN A 227 -3.51 26.67 -20.59
CA GLN A 227 -4.74 26.91 -21.30
C GLN A 227 -5.81 27.52 -20.39
N LEU A 228 -6.56 28.46 -20.94
CA LEU A 228 -7.51 29.21 -20.14
C LEU A 228 -8.88 28.54 -20.01
N ASN A 229 -9.13 27.43 -20.73
CA ASN A 229 -10.39 26.70 -20.59
C ASN A 229 -10.30 25.56 -19.58
N ASP A 230 -9.21 25.49 -18.80
CA ASP A 230 -9.03 24.55 -17.70
C ASP A 230 -9.48 23.15 -18.07
N PRO A 231 -8.76 22.49 -18.97
CA PRO A 231 -9.16 21.16 -19.42
C PRO A 231 -8.64 20.02 -18.54
N TYR A 232 -7.68 20.27 -17.66
CA TYR A 232 -7.06 19.20 -16.89
C TYR A 232 -7.81 18.99 -15.59
N SER A 233 -8.08 17.72 -15.28
CA SER A 233 -8.85 17.36 -14.10
C SER A 233 -7.94 16.89 -12.98
N PHE A 234 -8.36 17.15 -11.75
CA PHE A 234 -7.56 16.82 -10.58
C PHE A 234 -8.47 16.25 -9.50
N SER A 235 -7.84 15.54 -8.56
CA SER A 235 -8.53 15.04 -7.39
C SER A 235 -8.23 15.93 -6.19
N THR A 236 -9.26 16.19 -5.40
CA THR A 236 -9.12 16.84 -4.11
C THR A 236 -9.00 15.82 -2.96
N LYS A 237 -8.78 14.53 -3.28
CA LYS A 237 -8.79 13.48 -2.27
C LYS A 237 -7.54 12.61 -2.33
N ASN A 238 -6.99 12.38 -3.53
CA ASN A 238 -5.78 11.59 -3.70
C ASN A 238 -4.57 12.42 -3.29
N SER A 239 -3.67 11.84 -2.51
CA SER A 239 -2.46 12.55 -2.16
C SER A 239 -1.38 11.54 -1.87
N PHE A 240 -0.13 11.96 -2.01
CA PHE A 240 1.00 11.17 -1.56
C PHE A 240 2.01 12.12 -0.94
N CYS A 241 2.78 11.57 0.00
CA CYS A 241 3.87 12.27 0.64
C CYS A 241 5.02 11.30 0.76
N ILE A 242 6.17 11.84 1.16
CA ILE A 242 7.44 11.10 1.23
C ILE A 242 7.99 11.25 2.64
N TRP A 243 8.53 10.16 3.20
CA TRP A 243 9.27 10.28 4.47
C TRP A 243 10.40 9.26 4.50
N PHE A 244 11.63 9.76 4.41
CA PHE A 244 12.85 8.95 4.57
C PHE A 244 13.43 9.28 5.93
N SER A 245 13.38 8.31 6.85
CA SER A 245 13.89 8.51 8.19
C SER A 245 15.41 8.43 8.23
N ASN A 246 16.03 9.33 9.00
CA ASN A 246 17.44 9.22 9.33
C ASN A 246 17.67 8.41 10.60
N ASN A 247 16.61 7.89 11.20
CA ASN A 247 16.68 7.06 12.41
C ASN A 247 16.12 5.68 12.08
N PRO A 248 16.97 4.65 11.99
CA PRO A 248 16.49 3.32 11.57
C PRO A 248 15.51 2.66 12.52
N ASN A 249 15.38 3.16 13.76
CA ASN A 249 14.46 2.56 14.71
C ASN A 249 13.13 3.29 14.81
N SER A 250 12.98 4.40 14.13
CA SER A 250 11.75 5.15 14.16
C SER A 250 11.46 5.61 12.77
N ALA A 251 10.48 5.03 12.15
CA ALA A 251 10.21 5.32 10.78
C ALA A 251 9.62 6.65 10.45
N MET A 252 8.85 7.21 11.35
CA MET A 252 8.22 8.47 11.19
C MET A 252 7.78 8.95 12.54
N PRO A 253 7.89 10.22 12.78
CA PRO A 253 7.51 10.79 14.05
C PRO A 253 6.06 10.63 14.31
N LYS A 254 5.70 10.46 15.55
CA LYS A 254 4.32 10.25 15.89
C LYS A 254 3.37 11.36 15.51
N LYS A 255 3.81 12.60 15.55
CA LYS A 255 3.02 13.74 15.21
C LYS A 255 2.72 13.67 13.76
N ILE A 256 3.68 13.31 12.96
CA ILE A 256 3.44 13.18 11.53
C ILE A 256 2.54 11.97 11.26
N LYS A 257 2.79 10.85 11.97
CA LYS A 257 1.90 9.70 11.87
C LYS A 257 0.46 10.09 12.19
N ASP A 258 0.25 10.86 13.26
CA ASP A 258 -1.09 11.32 13.59
C ASP A 258 -1.69 12.16 12.46
N ILE A 259 -0.85 12.86 11.70
CA ILE A 259 -1.37 13.70 10.62
C ILE A 259 -1.84 12.83 9.46
N LEU A 260 -1.05 11.82 9.10
CA LEU A 260 -1.47 10.97 7.98
C LEU A 260 -2.70 10.16 8.33
N GLU A 261 -2.82 9.73 9.59
CA GLU A 261 -4.03 9.04 10.00
C GLU A 261 -5.27 9.90 9.75
N GLU A 262 -5.17 11.19 10.08
CA GLU A 262 -6.30 12.09 9.84
C GLU A 262 -6.50 12.32 8.36
N ARG A 263 -5.41 12.47 7.61
CA ARG A 263 -5.51 12.69 6.17
C ARG A 263 -6.21 11.51 5.51
N ALA A 264 -5.77 10.29 5.86
CA ALA A 264 -6.35 9.09 5.28
C ALA A 264 -7.83 8.95 5.68
N LYS A 265 -8.15 9.31 6.92
CA LYS A 265 -9.53 9.26 7.37
C LYS A 265 -10.39 10.28 6.63
N GLN A 266 -9.91 11.54 6.55
CA GLN A 266 -10.72 12.62 5.98
C GLN A 266 -10.88 12.46 4.47
N ASN A 267 -9.86 12.00 3.78
CA ASN A 267 -9.92 11.88 2.33
C ASN A 267 -10.76 10.74 1.75
N ALA A 268 -11.73 10.24 2.53
CA ALA A 268 -12.75 9.25 2.15
C ALA A 268 -12.08 8.10 1.40
N PRO A 269 -12.60 7.60 0.29
CA PRO A 269 -11.94 6.46 -0.35
C PRO A 269 -10.80 6.84 -1.27
N GLY A 270 -10.38 8.10 -1.26
CA GLY A 270 -9.23 8.48 -2.06
C GLY A 270 -7.97 7.86 -1.48
N VAL A 271 -6.93 7.83 -2.32
CA VAL A 271 -5.64 7.26 -1.91
C VAL A 271 -4.93 8.22 -0.96
N THR A 272 -4.32 7.67 0.10
CA THR A 272 -3.41 8.43 0.95
C THR A 272 -2.11 7.64 0.95
N LYS A 273 -1.25 7.98 0.01
CA LYS A 273 -0.02 7.25 -0.21
C LYS A 273 1.12 7.88 0.59
N LEU A 274 2.01 7.02 1.06
CA LEU A 274 3.18 7.42 1.84
C LEU A 274 4.34 6.68 1.23
N VAL A 275 5.32 7.42 0.73
CA VAL A 275 6.53 6.85 0.13
C VAL A 275 7.65 6.90 1.15
N TYR A 276 8.37 5.80 1.26
CA TYR A 276 9.46 5.68 2.21
C TYR A 276 10.52 4.77 1.61
N SER A 277 11.53 4.42 2.41
CA SER A 277 12.65 3.60 1.97
C SER A 277 12.86 2.46 2.95
N ARG A 278 12.78 1.23 2.44
CA ARG A 278 13.07 0.07 3.29
C ARG A 278 14.50 0.10 3.82
N ALA A 279 15.47 0.47 2.98
CA ALA A 279 16.88 0.41 3.38
C ALA A 279 17.22 1.31 4.57
N CYS A 280 16.35 2.23 4.95
CA CYS A 280 16.62 3.14 6.05
C CYS A 280 16.07 2.64 7.38
N LEU A 281 15.33 1.55 7.38
CA LEU A 281 14.75 1.05 8.61
C LEU A 281 15.38 -0.28 8.97
N THR A 282 15.25 -0.64 10.25
CA THR A 282 15.51 -2.01 10.67
C THR A 282 14.34 -2.90 10.24
N LYS A 283 14.60 -4.21 10.17
CA LYS A 283 13.53 -5.17 9.92
C LYS A 283 12.38 -4.95 10.90
N LYS A 284 12.69 -4.89 12.18
CA LYS A 284 11.66 -4.74 13.20
C LYS A 284 10.84 -3.49 12.94
N GLU A 285 11.51 -2.38 12.68
CA GLU A 285 10.81 -1.12 12.48
C GLU A 285 10.05 -1.12 11.16
N ASN A 286 10.60 -1.73 10.12
CA ASN A 286 9.87 -1.78 8.85
C ASN A 286 8.56 -2.53 9.02
N THR A 287 8.58 -3.68 9.70
CA THR A 287 7.36 -4.43 9.95
C THR A 287 6.37 -3.62 10.78
N ASN A 288 6.86 -2.95 11.82
CA ASN A 288 5.98 -2.06 12.59
C ASN A 288 5.33 -1.03 11.66
N PHE A 289 6.15 -0.31 10.90
CA PHE A 289 5.64 0.70 9.97
C PHE A 289 4.61 0.09 9.01
N VAL A 290 4.96 -1.05 8.41
CA VAL A 290 4.10 -1.63 7.39
C VAL A 290 2.71 -1.91 7.96
N GLN A 291 2.64 -2.32 9.22
CA GLN A 291 1.35 -2.61 9.81
C GLN A 291 0.61 -1.34 10.21
N TRP A 292 1.33 -0.34 10.73
CA TRP A 292 0.67 0.92 11.07
C TRP A 292 -0.06 1.50 9.86
N ALA A 293 0.56 1.44 8.70
CA ALA A 293 -0.11 1.93 7.50
C ALA A 293 -1.31 1.06 7.15
N LYS A 294 -1.16 -0.27 7.22
CA LYS A 294 -2.30 -1.15 6.92
C LYS A 294 -3.46 -0.87 7.87
N GLU A 295 -3.16 -0.66 9.15
CA GLU A 295 -4.17 -0.40 10.16
C GLU A 295 -4.85 0.95 9.98
N ASN A 296 -4.26 1.90 9.25
CA ASN A 296 -4.81 3.25 9.18
C ASN A 296 -5.18 3.67 7.76
N GLY A 297 -5.32 2.70 6.85
CA GLY A 297 -5.75 3.01 5.50
C GLY A 297 -4.74 3.85 4.73
N ILE A 298 -3.46 3.73 5.06
CA ILE A 298 -2.40 4.45 4.38
C ILE A 298 -1.74 3.48 3.41
N THR A 299 -1.59 3.92 2.16
CA THR A 299 -0.98 3.10 1.13
C THR A 299 0.53 3.37 1.15
N LEU A 300 1.29 2.41 1.62
CA LEU A 300 2.73 2.51 1.70
C LEU A 300 3.33 2.11 0.37
N LEU A 301 4.43 2.77 0.01
CA LEU A 301 5.16 2.44 -1.22
C LEU A 301 6.64 2.47 -0.89
N ASP A 302 7.30 1.31 -0.93
CA ASP A 302 8.75 1.23 -0.69
C ASP A 302 9.43 1.58 -2.01
N PHE A 303 9.91 2.81 -2.13
CA PHE A 303 10.53 3.24 -3.39
C PHE A 303 11.77 2.43 -3.73
N ASP A 304 12.37 1.73 -2.75
CA ASP A 304 13.51 0.87 -3.04
C ASP A 304 13.17 -0.24 -4.03
N GLU A 305 11.91 -0.65 -4.13
CA GLU A 305 11.56 -1.74 -5.02
C GLU A 305 11.20 -1.29 -6.42
N LEU A 306 11.16 0.01 -6.67
CA LEU A 306 10.79 0.52 -7.98
C LEU A 306 11.85 0.20 -9.04
N LYS A 307 11.38 -0.29 -10.18
CA LYS A 307 12.22 -0.47 -11.36
C LYS A 307 11.87 0.65 -12.33
N CYS A 308 12.85 1.49 -12.66
CA CYS A 308 12.62 2.71 -13.40
C CYS A 308 13.45 2.75 -14.68
N GLN A 309 12.98 3.54 -15.63
CA GLN A 309 13.66 3.82 -16.89
C GLN A 309 13.86 5.33 -17.06
N GLY A 310 14.76 5.68 -17.96
CA GLY A 310 14.92 7.08 -18.33
C GLY A 310 15.18 7.97 -17.14
N GLU A 311 14.65 9.19 -17.19
CA GLU A 311 14.89 10.17 -16.12
C GLU A 311 14.50 9.61 -14.76
N ASP A 312 13.40 8.85 -14.71
CA ASP A 312 13.00 8.18 -13.48
C ASP A 312 14.19 7.48 -12.84
N LEU A 313 14.96 6.75 -13.64
CA LEU A 313 16.09 6.01 -13.07
C LEU A 313 17.20 6.96 -12.64
N GLU A 314 17.40 8.07 -13.37
CA GLU A 314 18.41 9.03 -12.94
C GLU A 314 18.03 9.66 -11.61
N LEU A 315 16.76 10.04 -11.46
CA LEU A 315 16.29 10.57 -10.19
C LEU A 315 16.39 9.52 -9.09
N TRP A 316 16.04 8.27 -9.41
CA TRP A 316 16.09 7.19 -8.44
C TRP A 316 17.50 6.96 -7.93
N ASN A 317 18.47 6.95 -8.86
CA ASN A 317 19.85 6.72 -8.45
C ASN A 317 20.36 7.87 -7.62
N LEU A 318 20.07 9.10 -8.02
CA LEU A 318 20.49 10.27 -7.25
C LEU A 318 19.87 10.24 -5.86
N ALA A 319 18.65 9.83 -5.75
CA ALA A 319 18.00 9.77 -4.49
C ALA A 319 18.58 8.73 -3.60
N GLN A 320 18.96 7.59 -4.14
CA GLN A 320 19.50 6.53 -3.33
C GLN A 320 20.86 6.92 -2.84
N ALA A 321 21.53 7.71 -3.63
CA ALA A 321 22.83 8.20 -3.30
C ALA A 321 22.77 9.16 -2.11
N GLU A 322 21.72 9.95 -1.99
CA GLU A 322 21.61 10.86 -0.88
C GLU A 322 21.34 10.09 0.34
N LEU A 323 20.44 9.15 0.25
CA LEU A 323 20.09 8.36 1.38
C LEU A 323 21.22 7.49 1.87
N LYS A 324 22.01 6.97 0.96
CA LYS A 324 23.13 6.21 1.35
C LYS A 324 24.16 7.12 2.05
N ALA A 325 24.33 8.33 1.56
CA ALA A 325 25.24 9.26 2.20
C ALA A 325 24.68 9.74 3.49
N MET A 326 23.37 9.83 3.62
CA MET A 326 22.79 10.22 4.87
C MET A 326 23.05 9.13 5.88
N ARG A 327 22.87 7.90 5.49
CA ARG A 327 23.06 6.77 6.35
C ARG A 327 24.48 6.60 6.77
N GLU A 328 25.39 6.94 5.90
CA GLU A 328 26.77 6.81 6.16
C GLU A 328 27.38 8.06 6.70
N GLY A 329 26.59 9.01 7.12
CA GLY A 329 27.09 10.26 7.63
C GLY A 329 28.08 10.94 6.74
N LYS A 330 27.80 10.94 5.46
CA LYS A 330 28.72 11.54 4.49
C LYS A 330 28.05 12.67 3.69
N GLY A 331 27.15 13.42 4.33
CA GLY A 331 26.58 14.61 3.73
C GLY A 331 25.26 14.45 3.01
N GLY A 332 24.63 13.28 3.09
CA GLY A 332 23.35 13.11 2.41
C GLY A 332 22.21 13.73 3.19
N ASN A 333 21.12 14.00 2.47
CA ASN A 333 19.98 14.65 3.10
C ASN A 333 18.66 13.99 2.69
N PRO A 334 17.82 13.59 3.65
CA PRO A 334 16.58 12.92 3.25
C PRO A 334 15.57 13.87 2.60
N ALA A 335 15.62 15.17 2.91
CA ALA A 335 14.75 16.09 2.18
C ALA A 335 15.20 16.24 0.73
N ALA A 336 16.51 16.28 0.50
CA ALA A 336 16.98 16.25 -0.88
C ALA A 336 16.47 15.00 -1.58
N ALA A 337 16.48 13.88 -0.87
CA ALA A 337 15.94 12.65 -1.45
C ALA A 337 14.48 12.84 -1.85
N SER A 338 13.68 13.41 -0.96
CA SER A 338 12.26 13.60 -1.22
C SER A 338 12.02 14.56 -2.37
N ASP A 339 12.89 15.57 -2.53
CA ASP A 339 12.77 16.53 -3.63
C ASP A 339 12.88 15.86 -4.98
N LEU A 340 13.67 14.79 -5.06
CA LEU A 340 13.89 14.14 -6.34
C LEU A 340 12.87 13.04 -6.58
N VAL A 341 12.51 12.31 -5.53
CA VAL A 341 11.53 11.22 -5.63
C VAL A 341 10.16 11.75 -6.02
N ARG A 342 9.83 12.97 -5.61
CA ARG A 342 8.61 13.67 -5.99
C ARG A 342 8.22 13.50 -7.45
N TRP A 343 9.22 13.50 -8.33
CA TRP A 343 9.00 13.65 -9.78
C TRP A 343 9.19 12.36 -10.54
N ILE A 344 9.29 11.24 -9.85
CA ILE A 344 9.39 9.93 -10.49
C ILE A 344 7.98 9.46 -10.87
N SER A 345 7.80 9.08 -12.14
CA SER A 345 6.45 8.75 -12.62
C SER A 345 5.86 7.58 -11.85
N GLY A 346 6.66 6.56 -11.54
CA GLY A 346 6.15 5.43 -10.78
C GLY A 346 5.79 5.77 -9.34
N VAL A 347 6.41 6.83 -8.79
CA VAL A 347 6.07 7.29 -7.45
C VAL A 347 4.76 8.08 -7.47
N ILE A 348 4.60 8.95 -8.46
CA ILE A 348 3.39 9.75 -8.55
C ILE A 348 2.17 8.84 -8.78
N GLY A 349 2.26 7.95 -9.75
CA GLY A 349 1.13 7.12 -10.14
C GLY A 349 0.44 7.69 -11.35
N ASP A 350 -0.61 6.99 -11.79
CA ASP A 350 -1.25 7.39 -13.04
C ASP A 350 -2.55 8.14 -12.86
N VAL A 351 -3.18 8.10 -11.69
CA VAL A 351 -4.41 8.87 -11.50
C VAL A 351 -4.07 10.24 -10.92
N PRO A 352 -4.89 11.26 -11.13
CA PRO A 352 -4.60 12.56 -10.55
C PRO A 352 -4.32 12.41 -9.07
N ILE A 353 -3.35 13.18 -8.57
CA ILE A 353 -2.90 13.06 -7.19
C ILE A 353 -2.04 14.27 -6.84
N ALA A 354 -2.16 14.74 -5.60
CA ALA A 354 -1.41 15.88 -5.10
C ALA A 354 -0.23 15.39 -4.26
N TYR A 355 0.97 15.91 -4.54
CA TYR A 355 2.05 15.76 -3.57
C TYR A 355 1.87 16.78 -2.46
N VAL A 356 2.15 16.37 -1.27
CA VAL A 356 2.15 17.28 -0.19
C VAL A 356 3.26 16.89 0.75
N ASP A 357 3.76 17.86 1.47
CA ASP A 357 4.75 17.63 2.46
C ASP A 357 4.05 16.81 3.52
N ALA A 358 4.73 15.83 4.05
CA ALA A 358 4.17 14.96 5.04
C ALA A 358 3.43 15.59 6.19
N ASP A 359 3.84 16.77 6.63
CA ASP A 359 3.17 17.41 7.73
C ASP A 359 2.11 18.40 7.38
N MET A 360 1.71 18.46 6.12
CA MET A 360 0.68 19.36 5.67
C MET A 360 -0.72 19.12 6.19
N PRO A 361 -1.31 20.15 6.72
CA PRO A 361 -2.66 20.09 7.25
C PRO A 361 -3.72 20.31 6.19
N MET A 362 -4.98 20.22 6.56
CA MET A 362 -6.03 20.40 5.58
C MET A 362 -7.31 20.94 6.13
N LEU A 363 -7.99 21.73 5.34
CA LEU A 363 -9.23 22.37 5.73
C LEU A 363 -10.39 21.36 5.76
N THR A 364 -10.26 20.27 6.49
CA THR A 364 -11.40 19.37 6.67
C THR A 364 -12.47 20.01 7.53
N GLY A 365 -13.75 19.90 7.11
CA GLY A 365 -14.85 20.45 7.85
C GLY A 365 -15.87 21.03 6.91
N ASN A 366 -16.65 21.97 7.45
CA ASN A 366 -17.72 22.59 6.66
C ASN A 366 -17.15 23.40 5.50
N LYS A 367 -16.01 24.05 5.70
CA LYS A 367 -15.43 24.95 4.71
C LYS A 367 -14.35 24.30 3.85
N SER A 368 -14.40 22.97 3.70
CA SER A 368 -13.55 22.26 2.77
C SER A 368 -14.21 22.21 1.38
N ILE A 369 -13.69 21.36 0.50
CA ILE A 369 -14.22 21.18 -0.84
C ILE A 369 -14.91 19.82 -0.87
N LYS A 370 -16.18 19.82 -1.28
CA LYS A 370 -16.94 18.57 -1.30
C LYS A 370 -16.69 17.76 -2.58
N SER A 371 -16.52 18.42 -3.71
CA SER A 371 -16.37 17.70 -4.96
C SER A 371 -15.03 17.00 -5.04
N GLU A 372 -15.06 15.75 -5.50
CA GLU A 372 -13.82 14.99 -5.63
C GLU A 372 -12.96 15.43 -6.80
N GLU A 373 -13.53 16.14 -7.77
CA GLU A 373 -12.82 16.48 -9.00
C GLU A 373 -12.83 18.00 -9.18
N VAL A 374 -11.69 18.56 -9.57
CA VAL A 374 -11.57 19.96 -9.92
C VAL A 374 -10.78 20.05 -11.22
N TYR A 375 -10.69 21.27 -11.76
CA TYR A 375 -10.07 21.53 -13.06
C TYR A 375 -9.12 22.71 -12.99
N ALA A 376 -8.09 22.68 -13.83
CA ALA A 376 -7.15 23.77 -13.98
C ALA A 376 -6.58 23.71 -15.40
N GLY A 377 -5.77 24.71 -15.75
CA GLY A 377 -5.28 24.86 -17.11
C GLY A 377 -3.92 24.30 -17.41
N HIS A 378 -3.34 23.48 -16.52
CA HIS A 378 -1.98 22.96 -16.67
C HIS A 378 -1.91 21.61 -16.00
N PRO A 379 -1.07 20.70 -16.49
CA PRO A 379 -1.01 19.34 -15.90
C PRO A 379 -0.29 19.26 -14.57
N VAL A 380 0.59 20.18 -14.25
CA VAL A 380 1.31 20.16 -13.01
C VAL A 380 1.15 21.48 -12.32
N LEU A 381 0.47 21.49 -11.20
CA LEU A 381 0.22 22.70 -10.49
C LEU A 381 1.03 22.86 -9.26
N LEU A 382 1.95 23.80 -9.27
CA LEU A 382 2.74 24.10 -8.12
C LEU A 382 2.08 25.07 -7.18
N ASN A 383 2.62 25.25 -6.00
CA ASN A 383 2.10 26.18 -5.05
C ASN A 383 2.68 27.51 -5.39
N MET A 384 1.84 28.52 -5.42
CA MET A 384 2.23 29.84 -5.79
C MET A 384 1.59 30.88 -4.92
N GLY A 385 2.16 32.05 -4.95
CA GLY A 385 1.74 33.22 -4.23
C GLY A 385 2.45 34.47 -4.69
N SER A 386 2.18 35.58 -4.06
CA SER A 386 2.83 36.82 -4.43
C SER A 386 2.88 37.82 -3.32
N ALA A 387 3.95 38.58 -3.28
CA ALA A 387 4.10 39.63 -2.29
C ALA A 387 4.13 40.96 -2.96
N LEU A 388 3.47 41.95 -2.37
CA LEU A 388 3.37 43.28 -2.95
C LEU A 388 4.40 44.21 -2.28
N VAL A 389 5.27 44.80 -3.10
CA VAL A 389 6.30 45.72 -2.63
C VAL A 389 5.91 47.13 -3.06
N LYS A 390 5.64 48.00 -2.07
CA LYS A 390 5.29 49.38 -2.38
C LYS A 390 6.42 50.05 -3.15
N ASP A 391 6.04 50.93 -4.08
CA ASP A 391 6.99 51.68 -4.92
C ASP A 391 6.57 53.14 -4.98
N GLY A 392 6.26 53.72 -3.83
CA GLY A 392 5.95 55.13 -3.74
C GLY A 392 4.67 55.51 -4.46
N VAL A 393 4.79 56.37 -5.43
CA VAL A 393 3.63 56.85 -6.17
C VAL A 393 3.22 55.94 -7.29
N ASN A 394 3.96 54.89 -7.53
CA ASN A 394 3.60 53.93 -8.55
C ASN A 394 2.82 52.79 -7.90
N LEU A 395 2.36 51.87 -8.71
CA LEU A 395 1.74 50.69 -8.26
C LEU A 395 2.83 49.81 -7.71
N PRO A 396 2.47 49.01 -6.75
CA PRO A 396 3.41 48.11 -6.13
C PRO A 396 3.80 47.01 -7.05
N MET A 397 5.00 46.54 -6.88
CA MET A 397 5.48 45.45 -7.65
C MET A 397 4.91 44.16 -7.14
N GLU A 398 4.73 43.21 -8.02
CA GLU A 398 4.24 41.92 -7.60
C GLU A 398 5.29 40.85 -7.69
N ASN A 399 5.67 40.29 -6.57
CA ASN A 399 6.68 39.26 -6.55
C ASN A 399 6.15 37.88 -6.30
N VAL A 400 6.18 37.08 -7.33
CA VAL A 400 5.66 35.76 -7.27
C VAL A 400 6.58 34.81 -6.52
N ALA A 401 5.99 33.86 -5.84
CA ALA A 401 6.74 32.86 -5.15
C ALA A 401 6.26 31.49 -5.53
N PHE A 402 7.18 30.60 -5.71
CA PHE A 402 6.87 29.23 -6.06
C PHE A 402 7.32 28.30 -4.94
N ASN A 403 6.58 27.20 -4.75
CA ASN A 403 6.97 26.20 -3.76
C ASN A 403 6.50 24.82 -4.21
N THR A 404 7.19 23.80 -3.69
CA THR A 404 6.89 22.41 -4.00
C THR A 404 6.32 21.66 -2.80
N ASP A 405 5.85 22.40 -1.79
CA ASP A 405 5.25 21.74 -0.63
C ASP A 405 3.88 21.16 -0.94
N ILE A 406 3.26 21.62 -2.02
CA ILE A 406 2.03 21.05 -2.59
C ILE A 406 2.17 21.12 -4.11
N ILE A 407 2.09 19.97 -4.77
CA ILE A 407 2.12 19.89 -6.23
C ILE A 407 0.94 19.05 -6.67
N ASN A 408 0.00 19.65 -7.41
CA ASN A 408 -1.19 18.93 -7.85
C ASN A 408 -0.95 18.37 -9.24
N PHE A 409 -0.94 17.05 -9.36
CA PHE A 409 -0.74 16.38 -10.64
C PHE A 409 -2.06 15.92 -11.24
N THR A 410 -2.15 15.98 -12.56
CA THR A 410 -3.27 15.40 -13.25
C THR A 410 -2.97 13.92 -13.55
N GLY A 411 -3.92 13.25 -14.18
CA GLY A 411 -3.71 11.87 -14.56
C GLY A 411 -2.65 11.77 -15.63
N GLU A 412 -2.18 10.55 -15.85
CA GLU A 412 -1.19 10.32 -16.89
C GLU A 412 -1.69 10.89 -18.20
N CYS A 413 -0.76 11.47 -18.97
CA CYS A 413 -1.05 12.02 -20.28
C CYS A 413 0.25 12.58 -20.85
N LYS A 414 0.25 12.82 -22.17
CA LYS A 414 1.47 13.29 -22.82
C LYS A 414 1.97 14.59 -22.20
N ASP A 415 1.04 15.49 -21.87
CA ASP A 415 1.40 16.81 -21.38
C ASP A 415 2.02 16.74 -19.99
N ARG A 416 1.35 16.06 -19.05
CA ARG A 416 1.93 15.90 -17.73
C ARG A 416 3.30 15.24 -17.82
N SER A 417 3.48 14.36 -18.80
CA SER A 417 4.79 13.71 -18.95
C SER A 417 5.81 14.72 -19.45
N ILE A 418 5.41 15.64 -20.33
CA ILE A 418 6.34 16.67 -20.79
C ILE A 418 6.80 17.52 -19.60
N ALA A 419 5.85 18.08 -18.86
CA ALA A 419 6.22 18.97 -17.75
C ALA A 419 7.05 18.25 -16.69
N ILE A 420 6.78 16.97 -16.44
CA ILE A 420 7.55 16.22 -15.45
C ILE A 420 8.98 16.01 -15.93
N LYS A 421 9.13 15.52 -17.16
CA LYS A 421 10.45 15.33 -17.73
C LYS A 421 11.24 16.63 -17.71
N ARG A 422 10.57 17.77 -17.93
CA ARG A 422 11.24 19.07 -17.91
C ARG A 422 11.83 19.35 -16.53
N ILE A 423 11.10 19.01 -15.47
CA ILE A 423 11.59 19.22 -14.12
C ILE A 423 12.70 18.23 -13.78
N ALA A 424 12.47 16.94 -14.06
CA ALA A 424 13.47 15.93 -13.73
C ALA A 424 14.80 16.23 -14.41
N GLN A 425 14.76 16.72 -15.65
CA GLN A 425 15.99 17.04 -16.34
C GLN A 425 16.71 18.20 -15.67
N SER A 426 15.96 19.20 -15.22
CA SER A 426 16.58 20.32 -14.54
C SER A 426 17.30 19.85 -13.28
N LEU A 427 16.60 19.06 -12.46
CA LEU A 427 17.17 18.61 -11.19
C LEU A 427 18.37 17.69 -11.41
N ILE A 428 18.26 16.77 -12.37
CA ILE A 428 19.37 15.87 -12.69
C ILE A 428 20.56 16.65 -13.21
N GLY A 429 20.31 17.73 -13.94
CA GLY A 429 21.41 18.53 -14.45
C GLY A 429 22.19 19.18 -13.32
N ASN A 430 21.47 19.77 -12.36
CA ASN A 430 22.11 20.41 -11.22
C ASN A 430 23.01 19.45 -10.47
N TYR A 431 22.61 18.19 -10.37
CA TYR A 431 23.44 17.22 -9.67
C TYR A 431 24.69 16.85 -10.48
N LEU A 432 24.60 16.85 -11.80
CA LEU A 432 25.75 16.51 -12.65
C LEU A 432 26.77 17.63 -12.75
N HIS A 433 26.39 18.88 -12.50
CA HIS A 433 27.26 20.03 -12.65
C HIS A 433 27.23 20.88 -11.38
N VAL A 434 27.70 20.28 -10.28
CA VAL A 434 27.64 20.95 -8.98
C VAL A 434 28.39 22.28 -9.03
N THR A 435 29.69 22.24 -9.36
CA THR A 435 30.47 23.47 -9.31
C THR A 435 29.97 24.47 -10.34
N GLU A 436 29.53 24.00 -11.50
CA GLU A 436 29.00 24.94 -12.50
C GLU A 436 27.76 25.66 -11.99
N ARG A 437 26.86 24.95 -11.31
CA ARG A 437 25.67 25.62 -10.79
C ARG A 437 26.04 26.61 -9.70
N ILE A 438 26.92 26.21 -8.78
CA ILE A 438 27.38 27.12 -7.73
C ILE A 438 28.01 28.36 -8.36
N SER A 439 28.86 28.16 -9.35
CA SER A 439 29.54 29.29 -9.98
C SER A 439 28.55 30.29 -10.56
N LYS A 440 27.53 29.79 -11.27
CA LYS A 440 26.55 30.68 -11.91
C LYS A 440 25.41 31.07 -10.97
N SER A 441 25.35 30.53 -9.76
CA SER A 441 24.18 30.74 -8.93
C SER A 441 23.99 32.21 -8.61
N GLY A 442 22.72 32.63 -8.58
CA GLY A 442 22.33 33.93 -8.12
C GLY A 442 22.03 33.98 -6.65
N ASN A 443 22.19 32.86 -5.94
CA ASN A 443 21.97 32.87 -4.50
C ASN A 443 23.14 33.54 -3.79
N PRO A 444 22.87 34.43 -2.82
CA PRO A 444 23.97 35.14 -2.15
C PRO A 444 24.98 34.23 -1.49
N GLU A 445 24.53 33.22 -0.74
CA GLU A 445 25.45 32.38 0.02
C GLU A 445 26.31 31.52 -0.89
N LEU A 446 25.85 31.20 -2.10
CA LEU A 446 26.67 30.40 -3.00
C LEU A 446 27.70 31.26 -3.72
N LYS A 447 27.38 32.52 -3.97
CA LYS A 447 28.38 33.44 -4.51
C LYS A 447 29.59 33.55 -3.57
N ARG A 448 29.30 33.71 -2.30
CA ARG A 448 30.34 33.81 -1.33
C ARG A 448 31.10 32.55 -1.20
N LEU A 449 30.50 31.42 -1.49
CA LEU A 449 31.15 30.15 -1.37
C LEU A 449 32.19 29.99 -2.42
N GLY A 450 31.96 30.55 -3.58
CA GLY A 450 32.90 30.53 -4.64
C GLY A 450 34.13 31.37 -4.38
N LEU A 451 34.03 32.37 -3.54
CA LEU A 451 35.17 33.16 -3.21
C LEU A 451 35.93 32.65 -2.03
N MET A 452 35.46 31.61 -1.38
CA MET A 452 36.13 31.09 -0.23
C MET A 452 37.30 30.27 -0.63
N PRO A 453 38.39 30.40 0.08
CA PRO A 453 39.60 29.67 -0.23
C PRO A 453 39.52 28.25 0.10
N GLY A 454 38.69 27.87 1.05
CA GLY A 454 38.51 26.49 1.40
C GLY A 454 37.80 25.75 0.30
N TYR A 455 36.92 26.43 -0.39
CA TYR A 455 36.23 25.89 -1.46
C TYR A 455 37.19 25.63 -2.58
N HIS A 456 38.07 26.56 -2.88
CA HIS A 456 39.04 26.38 -3.94
C HIS A 456 39.93 25.22 -3.63
N GLN A 457 40.34 25.09 -2.40
CA GLN A 457 41.14 23.97 -2.01
C GLN A 457 40.40 22.69 -2.26
N LEU A 458 39.15 22.63 -1.86
CA LEU A 458 38.33 21.46 -2.05
C LEU A 458 38.33 21.03 -3.49
N LEU A 459 38.05 21.96 -4.39
CA LEU A 459 38.08 21.69 -5.80
C LEU A 459 39.41 21.12 -6.22
N LYS A 460 40.48 21.79 -5.85
CA LYS A 460 41.82 21.31 -6.17
C LYS A 460 41.99 19.84 -5.77
N ASP A 461 41.51 19.47 -4.59
CA ASP A 461 41.59 18.09 -4.14
C ASP A 461 40.84 17.16 -5.10
N CYS A 462 39.65 17.55 -5.42
CA CYS A 462 38.85 16.73 -6.26
C CYS A 462 39.50 16.59 -7.60
N GLU A 463 39.80 17.69 -8.28
CA GLU A 463 40.42 17.58 -9.59
C GLU A 463 41.76 16.87 -9.57
N GLU A 464 42.56 17.11 -8.56
CA GLU A 464 43.85 16.44 -8.46
C GLU A 464 43.64 14.99 -8.11
N ASN A 465 42.61 14.70 -7.35
CA ASN A 465 42.29 13.36 -6.96
C ASN A 465 41.34 12.69 -7.92
N ASN A 466 41.06 13.30 -9.06
CA ASN A 466 40.17 12.78 -10.05
C ASN A 466 38.84 12.26 -9.56
N ASN A 467 38.22 13.12 -8.79
CA ASN A 467 36.91 12.92 -8.25
C ASN A 467 36.09 14.14 -8.62
N LYS A 468 34.80 13.95 -8.75
CA LYS A 468 33.94 15.08 -9.04
C LYS A 468 33.32 15.50 -7.76
N LEU A 469 33.17 16.80 -7.58
CA LEU A 469 32.59 17.30 -6.38
C LEU A 469 31.15 16.98 -6.37
N SER A 470 30.73 16.13 -5.45
CA SER A 470 29.33 15.83 -5.31
C SER A 470 28.73 16.64 -4.20
N LEU A 471 27.42 16.80 -4.27
CA LEU A 471 26.70 17.59 -3.32
C LEU A 471 26.89 17.16 -1.91
N PRO A 472 26.90 15.88 -1.65
CA PRO A 472 27.10 15.39 -0.31
C PRO A 472 28.50 15.64 0.12
N MET A 473 29.46 15.58 -0.77
CA MET A 473 30.80 15.87 -0.43
C MET A 473 30.96 17.32 -0.05
N LEU A 474 30.29 18.20 -0.74
CA LEU A 474 30.37 19.59 -0.45
C LEU A 474 29.75 19.83 0.87
N ARG A 475 28.59 19.25 1.10
CA ARG A 475 27.90 19.43 2.35
C ARG A 475 28.69 18.88 3.50
N LYS A 476 29.33 17.75 3.30
CA LYS A 476 30.13 17.15 4.32
C LYS A 476 31.34 18.01 4.62
N ALA A 477 32.04 18.45 3.60
CA ALA A 477 33.19 19.31 3.80
C ALA A 477 32.84 20.57 4.57
N LEU A 478 31.78 21.24 4.22
CA LEU A 478 31.38 22.43 4.93
C LEU A 478 31.02 22.16 6.37
N THR A 479 30.44 21.03 6.68
CA THR A 479 30.06 20.70 8.02
C THR A 479 31.28 20.54 8.89
N GLN A 480 32.28 19.88 8.36
CA GLN A 480 33.50 19.65 9.08
C GLN A 480 34.21 20.93 9.28
N ALA A 481 34.22 21.75 8.25
CA ALA A 481 34.81 23.04 8.27
C ALA A 481 34.27 23.91 9.36
N HIS A 482 32.98 23.89 9.61
CA HIS A 482 32.40 24.66 10.64
C HIS A 482 32.39 24.02 12.00
N SER A 483 33.10 22.93 12.20
CA SER A 483 33.09 22.30 13.50
C SER A 483 34.00 23.00 14.48
N ASN A 484 34.85 23.87 14.00
CA ASN A 484 35.69 24.67 14.89
C ASN A 484 36.03 25.99 14.21
N LEU A 485 36.42 26.96 15.04
CA LEU A 485 36.62 28.31 14.53
C LEU A 485 37.85 28.39 13.63
N SER A 486 38.90 27.65 13.97
CA SER A 486 40.12 27.70 13.16
C SER A 486 39.87 27.16 11.75
N SER A 487 39.35 25.94 11.67
CA SER A 487 38.92 25.38 10.39
C SER A 487 37.95 26.33 9.69
N TYR A 488 36.98 26.86 10.44
CA TYR A 488 36.04 27.82 9.87
C TYR A 488 36.78 29.00 9.23
N VAL A 489 37.60 29.69 10.02
CA VAL A 489 38.34 30.85 9.50
C VAL A 489 39.27 30.44 8.36
N ARG A 490 39.83 29.24 8.42
CA ARG A 490 40.70 28.78 7.33
C ARG A 490 39.90 28.50 6.05
N PHE A 491 38.64 28.10 6.18
CA PHE A 491 37.83 27.80 4.99
C PHE A 491 37.39 29.08 4.27
N ILE A 492 36.68 29.96 4.98
CA ILE A 492 36.39 31.29 4.48
C ILE A 492 37.66 32.13 4.59
N GLY A 493 37.87 33.03 3.64
CA GLY A 493 39.10 33.81 3.72
C GLY A 493 39.29 34.51 5.05
N VAL A 494 40.52 34.78 5.46
CA VAL A 494 40.67 35.64 6.62
C VAL A 494 40.07 37.00 6.30
N GLN A 495 40.01 37.35 5.04
CA GLN A 495 39.42 38.59 4.62
C GLN A 495 37.98 38.56 4.92
N ARG A 496 37.35 37.44 4.60
CA ARG A 496 35.95 37.25 4.83
C ARG A 496 35.67 37.27 6.26
N PHE A 497 36.48 36.59 7.02
CA PHE A 497 36.32 36.58 8.43
C PHE A 497 36.54 37.96 9.00
N ALA A 498 37.43 38.72 8.40
CA ALA A 498 37.69 40.06 8.92
C ALA A 498 36.49 40.98 8.76
N GLU A 499 35.93 41.05 7.54
CA GLU A 499 34.78 41.92 7.31
C GLU A 499 33.58 41.52 8.18
N MET A 500 33.30 40.22 8.29
CA MET A 500 32.16 39.78 9.09
C MET A 500 32.34 40.16 10.55
N VAL A 501 33.52 39.84 11.10
CA VAL A 501 33.83 40.16 12.50
C VAL A 501 33.97 41.66 12.77
N GLY A 502 33.88 42.51 11.74
CA GLY A 502 33.88 43.95 11.93
C GLY A 502 35.22 44.64 11.89
N ALA A 503 36.31 43.94 11.54
CA ALA A 503 37.63 44.54 11.45
C ALA A 503 38.34 44.05 10.20
N PRO A 504 38.05 44.68 9.10
CA PRO A 504 38.69 44.32 7.86
C PRO A 504 40.15 44.59 7.91
N GLU A 505 40.59 45.55 8.70
CA GLU A 505 42.02 45.84 8.75
C GLU A 505 42.86 44.88 9.53
N ASP A 506 42.25 44.00 10.29
CA ASP A 506 43.00 43.02 11.02
C ASP A 506 43.18 41.72 10.26
N ALA A 507 42.81 41.71 8.98
CA ALA A 507 42.94 40.53 8.18
C ALA A 507 44.33 40.04 8.17
N PRO A 508 45.30 40.89 7.95
CA PRO A 508 46.68 40.38 8.08
C PRO A 508 46.98 39.87 9.47
N LEU A 509 46.46 40.53 10.52
CA LEU A 509 46.66 40.03 11.87
C LEU A 509 46.12 38.62 12.01
N PHE A 510 44.84 38.40 11.66
CA PHE A 510 44.24 37.07 11.78
C PHE A 510 45.05 36.04 11.01
N GLN A 511 45.57 36.43 9.84
CA GLN A 511 46.41 35.51 9.07
C GLN A 511 47.62 35.07 9.88
N GLU A 512 48.24 36.01 10.61
CA GLU A 512 49.38 35.66 11.46
C GLU A 512 48.94 34.81 12.65
N ALA A 513 47.88 35.23 13.35
CA ALA A 513 47.35 34.41 14.44
C ALA A 513 46.97 33.03 13.93
N LEU A 514 46.42 32.97 12.72
CA LEU A 514 46.12 31.68 12.10
C LEU A 514 47.41 30.89 11.86
N GLN A 515 48.41 31.54 11.24
CA GLN A 515 49.61 30.82 10.85
C GLN A 515 50.38 30.27 12.05
N GLN A 516 50.30 30.93 13.21
CA GLN A 516 51.07 30.49 14.37
C GLN A 516 50.20 29.91 15.49
N GLY A 517 48.94 29.57 15.21
CA GLY A 517 48.12 29.00 16.25
C GLY A 517 47.66 29.96 17.32
N ASN A 518 47.67 31.26 17.05
CA ASN A 518 47.12 32.26 17.98
C ASN A 518 45.60 32.25 17.91
N THR A 519 45.01 31.09 18.22
CA THR A 519 43.56 30.98 18.11
C THR A 519 42.83 31.78 19.19
N ILE A 520 43.53 32.51 20.05
CA ILE A 520 42.83 33.36 21.04
C ILE A 520 42.25 34.61 20.39
N VAL A 521 42.96 35.18 19.41
CA VAL A 521 42.50 36.40 18.74
C VAL A 521 41.26 36.13 17.90
N LEU A 522 41.20 34.96 17.24
CA LEU A 522 40.00 34.60 16.48
C LEU A 522 38.77 34.53 17.40
N THR A 523 38.88 33.81 18.53
CA THR A 523 37.80 33.72 19.51
C THR A 523 37.31 35.10 19.90
N ASN A 524 38.24 35.93 20.38
CA ASN A 524 37.87 37.25 20.88
C ASN A 524 37.40 38.16 19.76
N ALA A 525 38.07 38.10 18.60
CA ALA A 525 37.62 38.91 17.48
C ALA A 525 36.17 38.61 17.14
N LEU A 526 35.80 37.32 17.11
CA LEU A 526 34.43 36.92 16.79
C LEU A 526 33.49 37.24 17.94
N VAL A 527 33.82 36.80 19.16
CA VAL A 527 32.96 37.07 20.30
C VAL A 527 32.76 38.58 20.46
N ALA A 528 33.82 39.35 20.20
CA ALA A 528 33.73 40.80 20.35
C ALA A 528 32.71 41.38 19.39
N TYR A 529 32.66 40.86 18.16
CA TYR A 529 31.62 41.31 17.24
C TYR A 529 30.24 40.79 17.65
N LEU A 530 30.21 39.71 18.40
CA LEU A 530 28.97 39.13 18.83
C LEU A 530 28.41 39.95 19.94
N VAL A 531 29.06 39.89 21.08
CA VAL A 531 28.69 40.72 22.16
C VAL A 531 29.40 42.00 21.84
N HIS A 532 28.68 43.07 21.71
CA HIS A 532 29.26 44.31 21.26
C HIS A 532 30.47 44.84 22.03
N GLY A 533 31.65 44.83 21.40
CA GLY A 533 32.89 45.31 22.00
C GLY A 533 33.65 44.30 22.83
N MET A 534 34.96 44.45 23.00
CA MET A 534 35.67 43.42 23.76
C MET A 534 35.82 43.73 25.24
N ASP A 535 35.29 44.85 25.73
CA ASP A 535 35.12 44.99 27.17
C ASP A 535 34.19 43.90 27.70
N ASN A 536 33.09 43.65 26.99
CA ASN A 536 32.12 42.65 27.44
C ASN A 536 32.65 41.23 27.31
N VAL A 537 33.51 40.97 26.32
CA VAL A 537 34.06 39.62 26.16
C VAL A 537 35.07 39.28 27.25
N SER A 538 35.58 40.29 27.96
CA SER A 538 36.44 40.04 29.11
C SER A 538 35.66 39.65 30.36
N ARG A 539 34.34 39.56 30.26
CA ARG A 539 33.49 39.05 31.34
C ARG A 539 32.99 37.64 31.08
N LEU A 540 33.31 37.07 29.92
CA LEU A 540 33.00 35.68 29.61
C LEU A 540 34.22 34.79 29.87
N ASN A 541 33.97 33.60 30.42
CA ASN A 541 34.97 32.56 30.55
C ASN A 541 34.83 31.57 29.40
N SER A 542 35.80 30.66 29.30
CA SER A 542 35.84 29.64 28.27
C SER A 542 34.43 29.12 27.98
N SER A 543 33.87 28.34 28.91
CA SER A 543 32.57 27.72 28.73
C SER A 543 31.52 28.61 28.04
N GLU A 544 31.26 29.80 28.59
CA GLU A 544 30.21 30.62 28.01
C GLU A 544 30.60 31.20 26.65
N LYS A 545 31.89 31.49 26.45
CA LYS A 545 32.38 31.96 25.15
C LYS A 545 32.33 30.85 24.10
N GLU A 546 32.74 29.64 24.48
CA GLU A 546 32.69 28.51 23.57
C GLU A 546 31.27 28.22 23.10
N ASN A 547 30.30 28.27 24.01
CA ASN A 547 28.93 28.07 23.59
C ASN A 547 28.48 29.17 22.64
N LEU A 548 29.07 30.36 22.71
CA LEU A 548 28.62 31.42 21.81
C LEU A 548 29.17 31.21 20.40
N ILE A 549 30.39 30.69 20.29
CA ILE A 549 30.98 30.46 18.98
C ILE A 549 30.35 29.24 18.31
N LYS A 550 29.90 28.24 19.08
CA LYS A 550 29.22 27.09 18.49
C LYS A 550 27.91 27.52 17.83
N LYS A 551 27.13 28.36 18.51
CA LYS A 551 25.90 28.87 17.91
C LYS A 551 26.20 29.64 16.63
N TYR A 552 27.16 30.56 16.68
CA TYR A 552 27.48 31.36 15.50
C TYR A 552 27.86 30.45 14.33
N LEU A 553 28.78 29.51 14.58
CA LEU A 553 29.24 28.64 13.50
C LEU A 553 28.09 27.82 12.95
N GLY A 554 27.24 27.29 13.83
CA GLY A 554 26.06 26.56 13.37
C GLY A 554 25.18 27.42 12.48
N THR A 555 24.99 28.68 12.85
CA THR A 555 24.15 29.55 12.03
C THR A 555 24.77 29.80 10.65
N GLN A 556 26.10 29.92 10.60
CA GLN A 556 26.75 30.13 9.31
C GLN A 556 26.67 28.89 8.43
N LEU A 557 26.74 27.74 9.03
CA LEU A 557 26.64 26.52 8.28
C LEU A 557 25.26 26.33 7.70
N SER A 558 24.25 26.80 8.39
CA SER A 558 22.88 26.68 7.96
C SER A 558 22.58 27.51 6.77
N LEU A 559 23.24 28.64 6.67
CA LEU A 559 23.06 29.52 5.56
C LEU A 559 23.53 28.94 4.30
N LEU A 560 24.54 28.11 4.31
CA LEU A 560 25.01 27.49 3.14
C LEU A 560 24.33 26.18 2.91
N TYR A 561 24.02 25.45 3.96
CA TYR A 561 23.38 24.18 3.82
C TYR A 561 22.06 24.27 3.14
N LYS A 562 21.20 25.15 3.59
CA LYS A 562 19.89 25.33 3.04
C LYS A 562 19.82 25.40 1.51
N PRO A 563 20.66 26.20 0.91
CA PRO A 563 20.74 26.35 -0.52
C PRO A 563 21.41 25.21 -1.19
N LEU A 564 22.11 24.36 -0.48
CA LEU A 564 22.72 23.19 -1.04
C LEU A 564 21.80 21.99 -1.06
N VAL A 565 20.54 22.19 -0.77
CA VAL A 565 19.52 21.26 -0.90
C VAL A 565 18.52 21.98 -1.76
N MET A 566 18.05 23.12 -1.34
CA MET A 566 17.04 23.84 -2.08
C MET A 566 17.30 24.33 -3.47
N GLU A 567 18.52 24.71 -3.77
CA GLU A 567 18.84 25.17 -5.08
C GLU A 567 19.21 24.10 -6.05
N PHE A 568 19.32 22.89 -5.59
CA PHE A 568 19.70 21.81 -6.45
C PHE A 568 18.59 20.86 -6.72
N SER A 569 17.80 20.59 -5.71
CA SER A 569 16.70 19.69 -5.86
C SER A 569 15.41 20.26 -5.43
N GLY A 570 15.43 21.31 -4.65
CA GLY A 570 14.25 21.91 -4.11
C GLY A 570 13.53 22.96 -4.88
N PRO A 571 12.75 23.72 -4.18
CA PRO A 571 11.90 24.74 -4.77
C PRO A 571 12.62 25.89 -5.42
N CYS A 572 13.83 26.18 -5.00
CA CYS A 572 14.57 27.22 -5.64
C CYS A 572 15.11 26.71 -6.96
N ALA A 573 15.38 25.42 -7.06
CA ALA A 573 15.82 24.84 -8.28
C ALA A 573 14.68 24.73 -9.24
N VAL A 574 13.47 24.53 -8.74
CA VAL A 574 12.29 24.42 -9.57
C VAL A 574 11.95 25.81 -10.02
N THR A 575 12.03 26.79 -9.14
CA THR A 575 11.81 28.19 -9.49
C THR A 575 12.70 28.62 -10.65
N ARG A 576 13.97 28.22 -10.60
CA ARG A 576 14.90 28.61 -11.66
C ARG A 576 14.43 28.08 -13.01
N GLU A 577 13.76 26.94 -13.02
CA GLU A 577 13.26 26.37 -14.27
C GLU A 577 12.00 27.06 -14.77
N ILE A 578 11.33 27.83 -13.90
CA ILE A 578 10.10 28.51 -14.28
C ILE A 578 10.33 29.96 -14.69
N LEU A 579 11.40 30.59 -14.19
CA LEU A 579 11.58 32.04 -14.37
C LEU A 579 11.57 32.49 -15.83
N PRO A 580 12.11 31.75 -16.80
CA PRO A 580 12.04 32.22 -18.20
C PRO A 580 10.63 32.62 -18.64
N LEU A 581 9.63 32.07 -18.03
CA LEU A 581 8.29 32.42 -18.37
C LEU A 581 7.94 33.82 -17.95
N LEU A 582 8.77 34.44 -17.13
CA LEU A 582 8.55 35.79 -16.70
C LEU A 582 9.23 36.84 -17.60
N PRO A 583 8.59 37.95 -17.71
CA PRO A 583 9.00 39.02 -18.61
C PRO A 583 10.40 39.52 -18.65
N THR A 584 11.11 39.73 -17.57
CA THR A 584 12.48 40.27 -17.63
C THR A 584 12.91 41.64 -18.09
N GLY A 585 12.00 42.58 -18.05
CA GLY A 585 12.10 43.81 -18.75
C GLY A 585 11.64 44.96 -17.95
N GLU A 586 10.37 44.91 -17.63
CA GLU A 586 9.73 45.72 -16.63
C GLU A 586 9.20 44.84 -15.55
N PRO A 587 9.12 45.37 -14.37
CA PRO A 587 8.63 44.58 -13.25
C PRO A 587 7.14 44.33 -13.34
N THR A 588 6.65 43.42 -12.55
CA THR A 588 5.24 43.05 -12.58
C THR A 588 4.54 43.85 -11.49
N ARG A 589 3.60 44.69 -11.88
CA ARG A 589 2.81 45.44 -10.92
C ARG A 589 1.44 44.81 -10.79
N TYR A 590 0.84 44.96 -9.61
CA TYR A 590 -0.50 44.41 -9.41
C TYR A 590 -1.49 45.42 -9.99
N ILE A 591 -2.14 45.04 -11.08
CA ILE A 591 -3.24 45.77 -11.69
C ILE A 591 -4.54 45.12 -11.24
N GLU A 592 -5.42 45.90 -10.62
CA GLU A 592 -6.51 45.37 -9.83
C GLU A 592 -7.82 45.19 -10.59
N ASN A 593 -8.10 46.00 -11.62
CA ASN A 593 -9.37 45.92 -12.33
C ASN A 593 -9.15 45.91 -13.84
N LEU A 594 -8.23 45.07 -14.30
CA LEU A 594 -7.99 44.94 -15.73
C LEU A 594 -9.18 44.25 -16.40
N LYS A 595 -9.76 44.93 -17.40
CA LYS A 595 -10.88 44.34 -18.14
C LYS A 595 -10.55 42.90 -18.54
N GLN A 596 -9.40 42.71 -19.18
CA GLN A 596 -8.90 41.39 -19.55
C GLN A 596 -7.74 41.07 -18.63
N PRO A 597 -7.98 40.42 -17.47
CA PRO A 597 -6.88 40.15 -16.54
C PRO A 597 -5.89 39.14 -17.07
N ASP A 598 -6.29 38.28 -18.02
CA ASP A 598 -5.42 37.27 -18.61
C ASP A 598 -4.42 37.85 -19.60
N ALA A 599 -4.21 39.17 -19.59
CA ALA A 599 -3.11 39.75 -20.35
C ALA A 599 -1.81 39.77 -19.56
N GLN A 600 -1.88 39.67 -18.22
CA GLN A 600 -0.72 39.61 -17.34
C GLN A 600 -0.38 38.17 -16.97
N ILE A 601 0.90 37.80 -17.11
CA ILE A 601 1.29 36.40 -16.88
C ILE A 601 1.03 35.97 -15.44
N LEU A 602 1.12 36.90 -14.47
CA LEU A 602 0.90 36.54 -13.08
C LEU A 602 -0.56 36.17 -12.82
N ARG A 603 -1.50 36.86 -13.46
CA ARG A 603 -2.90 36.53 -13.30
C ARG A 603 -3.25 35.20 -13.98
N VAL A 604 -2.55 34.85 -15.07
CA VAL A 604 -2.77 33.56 -15.73
C VAL A 604 -2.32 32.41 -14.82
N LEU A 605 -1.14 32.55 -14.20
CA LEU A 605 -0.71 31.53 -13.25
C LEU A 605 -1.70 31.45 -12.08
N GLN A 606 -2.07 32.60 -11.52
CA GLN A 606 -2.92 32.58 -10.33
C GLN A 606 -4.22 31.84 -10.58
N THR A 607 -4.78 31.99 -11.78
CA THR A 607 -6.10 31.43 -12.08
C THR A 607 -6.03 30.04 -12.68
N HIS A 608 -4.94 29.67 -13.37
CA HIS A 608 -4.98 28.48 -14.20
C HIS A 608 -3.86 27.47 -13.98
N ALA A 609 -2.80 27.80 -13.22
CA ALA A 609 -1.67 26.88 -13.17
C ALA A 609 -1.11 26.68 -11.76
N CYS A 610 -1.90 26.91 -10.72
CA CYS A 610 -1.44 26.64 -9.36
C CYS A 610 -2.55 25.96 -8.56
N VAL A 611 -2.17 25.46 -7.38
CA VAL A 611 -3.08 24.66 -6.56
C VAL A 611 -4.09 25.51 -5.78
N ALA A 612 -3.92 26.83 -5.76
CA ALA A 612 -4.83 27.66 -4.98
C ALA A 612 -6.28 27.41 -5.39
N GLY A 613 -7.12 27.07 -4.42
CA GLY A 613 -8.50 26.77 -4.74
C GLY A 613 -8.69 25.45 -5.44
N LYS A 614 -7.69 24.58 -5.44
CA LYS A 614 -7.79 23.29 -6.08
C LYS A 614 -7.46 22.13 -5.14
N THR A 615 -7.15 22.42 -3.88
CA THR A 615 -6.89 21.40 -2.88
C THR A 615 -7.49 21.84 -1.57
N ASN A 616 -7.63 20.89 -0.67
CA ASN A 616 -7.99 21.15 0.70
C ASN A 616 -6.76 21.36 1.58
N PHE A 617 -5.56 21.20 1.03
CA PHE A 617 -4.36 21.37 1.84
C PHE A 617 -4.06 22.85 2.00
N THR A 618 -3.66 23.23 3.22
CA THR A 618 -3.39 24.62 3.54
C THR A 618 -1.94 24.76 3.98
N SER A 619 -1.18 25.55 3.24
CA SER A 619 0.23 25.79 3.51
C SER A 619 0.45 27.26 3.83
N ASP A 620 1.36 27.53 4.76
CA ASP A 620 1.80 28.89 5.03
C ASP A 620 3.29 29.07 4.74
N ASN A 621 3.93 28.12 4.05
CA ASN A 621 5.35 28.23 3.73
C ASN A 621 5.62 29.36 2.74
N ILE A 622 4.64 29.73 1.93
CA ILE A 622 4.77 30.90 1.05
C ILE A 622 3.51 31.75 1.19
N PRO A 623 3.57 33.04 0.92
CA PRO A 623 2.39 33.87 1.08
C PRO A 623 1.31 33.46 0.09
N ASN A 624 0.07 33.77 0.44
CA ASN A 624 -1.04 33.62 -0.51
C ASN A 624 -0.83 34.58 -1.67
N TRP A 625 -1.75 34.61 -2.63
CA TRP A 625 -1.59 35.49 -3.78
C TRP A 625 -1.80 36.94 -3.37
N ILE A 626 -1.03 37.83 -3.98
CA ILE A 626 -1.08 39.28 -3.75
C ILE A 626 -1.19 39.57 -2.26
N THR A 627 -0.26 39.02 -1.47
CA THR A 627 -0.22 39.28 -0.05
C THR A 627 0.63 40.51 0.23
N SER A 628 0.13 41.37 1.13
CA SER A 628 0.80 42.62 1.45
C SER A 628 2.18 42.34 2.03
N SER A 629 3.10 43.28 1.79
CA SER A 629 4.48 43.13 2.28
C SER A 629 4.52 42.96 3.79
N GLU A 630 3.78 43.80 4.52
CA GLU A 630 3.70 43.65 5.96
C GLU A 630 2.96 42.38 6.36
N GLU A 631 1.98 41.95 5.56
CA GLU A 631 1.26 40.73 5.88
C GLU A 631 2.18 39.52 5.82
N VAL A 632 3.26 39.59 5.06
CA VAL A 632 4.24 38.52 4.96
C VAL A 632 5.06 38.47 6.24
N GLU A 633 4.56 39.08 7.31
CA GLU A 633 5.21 39.05 8.61
C GLU A 633 4.90 37.80 9.39
N ARG A 634 4.23 36.83 8.74
CA ARG A 634 4.27 35.46 9.23
C ARG A 634 5.71 34.99 9.43
N THR A 635 6.64 35.54 8.65
CA THR A 635 8.03 35.10 8.73
C THR A 635 8.67 35.44 10.07
N GLN A 636 8.19 36.49 10.74
CA GLN A 636 8.75 36.87 12.03
C GLN A 636 8.50 35.80 13.08
N SER A 637 7.37 35.11 12.99
CA SER A 637 6.95 34.13 14.00
C SER A 637 7.11 32.72 13.44
N LEU A 638 8.35 32.30 13.27
CA LEU A 638 8.66 30.94 12.84
C LEU A 638 8.91 30.08 14.07
N GLY A 642 14.84 26.13 12.26
CA GLY A 642 15.59 25.08 11.63
C GLY A 642 14.65 23.96 11.21
N LEU A 643 14.61 23.65 9.93
CA LEU A 643 13.65 22.66 9.47
C LEU A 643 14.16 21.26 9.80
N SER A 644 13.29 20.25 9.58
CA SER A 644 13.60 18.91 10.05
C SER A 644 14.76 18.27 9.30
N TRP A 645 15.17 18.82 8.17
CA TRP A 645 16.27 18.30 7.39
C TRP A 645 17.54 19.14 7.52
N MET A 646 17.51 20.24 8.26
CA MET A 646 18.71 21.02 8.46
C MET A 646 19.62 20.32 9.46
N PRO A 647 20.92 20.57 9.40
CA PRO A 647 21.87 19.72 10.14
C PRO A 647 21.56 19.58 11.62
N SER A 648 21.10 20.65 12.27
CA SER A 648 20.73 20.59 13.68
C SER A 648 19.54 19.66 13.91
N GLU A 649 18.40 19.96 13.26
CA GLU A 649 17.20 19.18 13.53
C GLU A 649 17.35 17.73 13.09
N GLN A 650 18.18 17.47 12.07
CA GLN A 650 18.48 16.10 11.70
C GLN A 650 19.45 15.42 12.66
N ALA A 651 20.16 16.20 13.43
CA ALA A 651 21.02 15.62 14.38
C ALA A 651 20.48 14.86 15.57
N ARG A 652 19.18 15.04 15.81
CA ARG A 652 18.29 14.93 16.97
C ARG A 652 17.16 14.07 16.51
N LEU A 653 16.89 14.09 15.22
CA LEU A 653 15.81 13.24 14.71
C LEU A 653 16.12 11.78 15.00
N SER A 654 17.41 11.44 15.10
CA SER A 654 17.87 10.13 15.56
C SER A 654 18.42 10.20 16.99
N LYS A 655 19.46 11.01 17.22
CA LYS A 655 20.05 11.18 18.55
C LYS A 655 19.13 12.00 19.46
N GLU B 22 -24.82 -34.14 0.47
CA GLU B 22 -26.15 -34.72 0.48
C GLU B 22 -27.23 -33.65 0.36
N GLN B 23 -27.06 -32.52 1.05
CA GLN B 23 -28.07 -31.48 1.02
C GLN B 23 -28.39 -31.03 -0.41
N TYR B 24 -27.43 -31.16 -1.33
CA TYR B 24 -27.70 -30.78 -2.71
C TYR B 24 -28.24 -31.95 -3.51
N TRP B 25 -27.62 -33.13 -3.38
CA TRP B 25 -28.25 -34.32 -3.94
C TRP B 25 -29.71 -34.39 -3.51
N ARG B 26 -29.96 -34.18 -2.21
CA ARG B 26 -31.31 -34.18 -1.67
C ARG B 26 -32.16 -33.13 -2.38
N PHE B 27 -31.59 -31.93 -2.58
CA PHE B 27 -32.31 -30.82 -3.19
C PHE B 27 -32.65 -31.11 -4.65
N LYS B 28 -31.72 -31.71 -5.33
CA LYS B 28 -31.91 -32.02 -6.70
C LYS B 28 -32.77 -33.25 -6.84
N LEU B 29 -32.70 -34.24 -5.97
CA LEU B 29 -33.60 -35.38 -6.11
C LEU B 29 -34.95 -34.79 -5.83
N MET B 30 -35.05 -34.00 -4.80
CA MET B 30 -36.32 -33.42 -4.43
C MET B 30 -36.90 -32.31 -5.27
N THR B 31 -36.11 -31.66 -6.09
CA THR B 31 -36.57 -30.50 -6.83
C THR B 31 -36.69 -30.68 -8.32
N GLU B 32 -35.98 -31.68 -8.82
CA GLU B 32 -35.94 -31.87 -10.24
C GLU B 32 -36.30 -33.25 -10.64
N GLY B 33 -36.05 -34.20 -9.77
CA GLY B 33 -36.31 -35.57 -10.11
C GLY B 33 -37.58 -36.09 -9.54
N GLY B 34 -38.52 -35.19 -9.31
CA GLY B 34 -39.82 -35.56 -8.83
C GLY B 34 -39.89 -36.43 -7.62
N CYS B 35 -39.04 -36.15 -6.67
CA CYS B 35 -39.05 -36.90 -5.48
C CYS B 35 -39.69 -36.15 -4.41
N ASN B 36 -39.66 -36.81 -3.31
CA ASN B 36 -40.21 -36.24 -2.09
C ASN B 36 -38.88 -36.35 -1.37
N GLN B 37 -38.73 -35.61 -0.26
CA GLN B 37 -37.83 -35.75 0.87
C GLN B 37 -37.56 -37.17 1.29
N ASN B 38 -38.66 -37.86 1.60
CA ASN B 38 -38.59 -39.23 2.07
C ASN B 38 -37.99 -40.11 0.98
N GLU B 39 -38.49 -39.94 -0.26
CA GLU B 39 -37.98 -40.67 -1.41
C GLU B 39 -36.61 -40.16 -1.84
N ALA B 40 -36.34 -38.86 -1.68
CA ALA B 40 -35.02 -38.34 -2.01
C ALA B 40 -33.95 -39.01 -1.14
N THR B 41 -34.18 -39.07 0.17
CA THR B 41 -33.26 -39.80 1.04
C THR B 41 -33.25 -41.28 0.67
N ARG B 42 -34.43 -41.91 0.63
CA ARG B 42 -34.49 -43.32 0.26
C ARG B 42 -33.74 -43.59 -1.04
N LEU B 43 -33.80 -42.68 -1.98
CA LEU B 43 -33.13 -42.89 -3.23
C LEU B 43 -31.65 -42.86 -3.07
N ILE B 44 -31.21 -41.87 -2.32
CA ILE B 44 -29.77 -41.76 -2.11
C ILE B 44 -29.23 -43.04 -1.50
N THR B 45 -30.01 -43.67 -0.63
CA THR B 45 -29.57 -44.90 0.01
C THR B 45 -29.26 -45.96 -1.05
N VAL B 46 -30.27 -46.34 -1.82
CA VAL B 46 -30.10 -47.36 -2.86
C VAL B 46 -29.29 -46.84 -4.02
N LEU B 47 -29.13 -45.52 -4.15
CA LEU B 47 -28.34 -44.95 -5.23
C LEU B 47 -26.84 -45.25 -5.11
N LYS B 48 -26.38 -45.76 -3.97
CA LYS B 48 -24.96 -46.08 -3.79
C LYS B 48 -24.72 -47.57 -3.97
N ARG B 49 -24.83 -48.03 -5.22
CA ARG B 49 -24.53 -49.42 -5.54
C ARG B 49 -24.16 -49.57 -7.02
N SER B 58 -17.52 -43.79 -4.22
CA SER B 58 -18.96 -43.87 -4.45
C SER B 58 -19.61 -42.49 -4.63
N ILE B 59 -18.92 -41.44 -4.18
CA ILE B 59 -19.33 -40.06 -4.36
C ILE B 59 -19.38 -39.69 -5.85
N ASN B 60 -19.00 -40.62 -6.72
CA ASN B 60 -19.02 -40.38 -8.17
C ASN B 60 -20.51 -40.36 -8.53
N LYS B 61 -21.25 -39.42 -7.98
CA LYS B 61 -22.61 -39.12 -8.45
C LYS B 61 -22.54 -37.94 -9.41
N LEU B 62 -21.86 -38.19 -10.55
CA LEU B 62 -21.79 -37.18 -11.58
C LEU B 62 -23.11 -36.87 -12.26
N PHE B 63 -24.06 -37.76 -12.10
CA PHE B 63 -25.39 -37.59 -12.64
C PHE B 63 -25.95 -36.22 -12.57
N GLU B 64 -25.62 -35.51 -11.52
CA GLU B 64 -26.20 -34.23 -11.32
C GLU B 64 -25.80 -33.16 -12.26
N ASN B 65 -25.13 -33.51 -13.33
CA ASN B 65 -24.82 -32.53 -14.35
C ASN B 65 -25.95 -32.20 -15.33
N ASP B 66 -26.77 -33.19 -15.61
CA ASP B 66 -27.70 -33.26 -16.76
C ASP B 66 -29.03 -33.61 -17.43
N ASN B 67 -29.30 -34.93 -17.35
CA ASN B 67 -30.57 -35.60 -17.62
C ASN B 67 -30.87 -36.87 -16.81
N PHE B 68 -30.06 -37.24 -15.82
CA PHE B 68 -30.47 -38.41 -15.03
C PHE B 68 -31.73 -38.13 -14.24
N CYS B 69 -31.87 -36.91 -13.72
CA CYS B 69 -33.02 -36.59 -12.88
C CYS B 69 -34.29 -36.53 -13.71
N ASN B 70 -34.19 -36.13 -14.97
CA ASN B 70 -35.35 -36.16 -15.86
C ASN B 70 -35.86 -37.58 -16.04
N ARG B 71 -34.96 -38.52 -16.33
CA ARG B 71 -35.36 -39.91 -16.43
C ARG B 71 -35.99 -40.40 -15.13
N LEU B 72 -35.33 -40.12 -14.00
CA LEU B 72 -35.88 -40.55 -12.73
C LEU B 72 -37.24 -39.92 -12.45
N SER B 73 -37.47 -38.78 -13.03
CA SER B 73 -38.69 -38.08 -12.81
C SER B 73 -39.84 -38.76 -13.51
N SER B 74 -39.57 -39.39 -14.64
CA SER B 74 -40.58 -40.09 -15.36
C SER B 74 -40.94 -41.37 -14.69
N TYR B 75 -39.96 -42.13 -14.22
CA TYR B 75 -40.27 -43.35 -13.51
C TYR B 75 -40.84 -42.99 -12.19
N MET B 76 -40.22 -42.10 -11.48
CA MET B 76 -40.78 -41.65 -10.23
C MET B 76 -42.22 -41.32 -10.30
N ALA B 77 -42.78 -41.24 -11.47
CA ALA B 77 -44.17 -40.82 -11.61
C ALA B 77 -45.20 -41.87 -11.35
N TYR B 78 -44.74 -43.08 -11.25
CA TYR B 78 -45.56 -44.21 -11.04
C TYR B 78 -45.09 -44.78 -9.74
N GLY B 79 -44.92 -43.94 -8.73
CA GLY B 79 -44.45 -44.38 -7.44
C GLY B 79 -42.99 -44.73 -7.30
N PHE B 80 -42.49 -44.63 -6.09
CA PHE B 80 -41.10 -44.91 -5.78
C PHE B 80 -40.61 -46.28 -6.15
N GLY B 81 -41.45 -47.28 -6.06
CA GLY B 81 -41.06 -48.63 -6.42
C GLY B 81 -40.57 -48.73 -7.83
N ALA B 82 -41.23 -48.07 -8.75
CA ALA B 82 -40.82 -48.06 -10.11
C ALA B 82 -39.42 -47.58 -10.30
N ALA B 83 -39.08 -46.47 -9.69
CA ALA B 83 -37.76 -45.92 -9.83
C ALA B 83 -36.74 -46.85 -9.26
N GLU B 84 -36.95 -47.34 -8.07
CA GLU B 84 -35.93 -48.24 -7.54
C GLU B 84 -35.82 -49.51 -8.37
N GLU B 85 -36.91 -49.95 -9.00
CA GLU B 85 -36.83 -51.10 -9.89
C GLU B 85 -36.05 -50.77 -11.16
N TRP B 86 -36.19 -49.53 -11.64
CA TRP B 86 -35.44 -49.10 -12.82
C TRP B 86 -33.97 -48.88 -12.50
N ILE B 87 -33.67 -48.32 -11.32
CA ILE B 87 -32.27 -48.21 -10.95
C ILE B 87 -31.68 -49.60 -10.67
N LYS B 88 -32.53 -50.57 -10.27
CA LYS B 88 -32.03 -51.92 -10.06
C LYS B 88 -31.58 -52.56 -11.37
N LYS B 89 -32.50 -52.78 -12.31
CA LYS B 89 -32.21 -53.53 -13.53
C LYS B 89 -31.38 -52.77 -14.55
N GLN B 90 -31.00 -51.52 -14.27
CA GLN B 90 -30.31 -50.70 -15.25
C GLN B 90 -28.80 -50.87 -15.15
N GLN B 91 -28.19 -51.20 -16.28
CA GLN B 91 -26.72 -51.27 -16.40
C GLN B 91 -26.20 -49.91 -16.85
N ILE B 92 -25.11 -49.48 -16.22
CA ILE B 92 -24.44 -48.23 -16.58
C ILE B 92 -24.88 -46.76 -16.50
N LEU B 93 -25.33 -46.33 -15.32
CA LEU B 93 -26.11 -45.11 -15.14
C LEU B 93 -25.50 -43.91 -15.86
N SER B 94 -24.23 -43.99 -16.24
CA SER B 94 -23.59 -42.88 -16.95
C SER B 94 -24.05 -42.80 -18.40
N ASN B 95 -24.67 -43.86 -18.93
CA ASN B 95 -25.18 -43.91 -20.29
C ASN B 95 -26.65 -43.53 -20.38
N ILE B 96 -27.22 -42.91 -19.36
CA ILE B 96 -28.65 -42.63 -19.38
C ILE B 96 -28.84 -41.35 -20.16
N GLN B 97 -29.72 -41.44 -21.13
CA GLN B 97 -30.06 -40.35 -21.99
C GLN B 97 -31.52 -40.33 -22.27
N PRO B 98 -32.01 -39.20 -22.67
CA PRO B 98 -33.40 -39.03 -23.01
C PRO B 98 -33.82 -40.02 -24.08
N LEU B 99 -34.97 -40.60 -23.88
CA LEU B 99 -35.48 -41.56 -24.81
C LEU B 99 -35.99 -40.92 -26.04
N THR B 100 -36.10 -41.72 -27.05
CA THR B 100 -36.49 -41.24 -28.38
C THR B 100 -37.75 -41.95 -28.87
N PRO B 119 -46.14 -27.34 -3.04
CA PRO B 119 -46.36 -26.38 -4.14
C PRO B 119 -45.04 -26.05 -4.84
N ASN B 120 -44.73 -26.75 -5.94
CA ASN B 120 -43.41 -26.63 -6.59
C ASN B 120 -43.39 -25.47 -7.57
N ILE B 121 -43.32 -24.26 -7.02
CA ILE B 121 -43.15 -23.07 -7.82
C ILE B 121 -41.80 -23.09 -8.54
N PHE B 122 -40.73 -23.36 -7.79
CA PHE B 122 -39.43 -23.66 -8.39
C PHE B 122 -39.51 -25.01 -9.08
N GLY B 123 -38.97 -25.09 -10.28
CA GLY B 123 -39.13 -26.33 -11.02
C GLY B 123 -40.21 -26.14 -12.06
N ALA B 124 -41.33 -25.56 -11.64
CA ALA B 124 -42.25 -24.98 -12.60
C ALA B 124 -41.61 -23.75 -13.24
N ALA B 125 -40.80 -23.11 -12.44
CA ALA B 125 -40.11 -21.97 -12.92
C ALA B 125 -39.05 -22.31 -13.89
N ILE B 126 -38.57 -23.53 -13.88
CA ILE B 126 -37.51 -23.92 -14.77
C ILE B 126 -37.98 -24.56 -16.06
N THR B 127 -39.23 -24.95 -16.07
CA THR B 127 -39.80 -25.55 -17.24
C THR B 127 -40.44 -24.50 -18.14
N PHE B 128 -41.43 -23.80 -17.64
CA PHE B 128 -42.13 -22.83 -18.47
C PHE B 128 -41.50 -21.48 -18.75
N GLY B 129 -40.61 -21.40 -19.73
CA GLY B 129 -39.96 -20.12 -20.01
C GLY B 129 -40.76 -19.05 -20.75
N LYS B 130 -41.87 -19.49 -21.30
CA LYS B 130 -42.81 -18.77 -22.14
C LYS B 130 -43.87 -18.10 -21.28
N SER B 131 -44.13 -18.64 -20.11
CA SER B 131 -44.99 -17.97 -19.15
C SER B 131 -44.40 -16.62 -18.78
N PRO B 132 -45.20 -15.56 -18.73
CA PRO B 132 -44.62 -14.22 -18.51
C PRO B 132 -43.77 -14.12 -17.26
N VAL B 133 -44.12 -14.85 -16.20
CA VAL B 133 -43.41 -14.73 -14.92
C VAL B 133 -41.93 -15.02 -15.10
N VAL B 134 -41.59 -16.10 -15.80
CA VAL B 134 -40.18 -16.41 -16.02
C VAL B 134 -39.45 -15.24 -16.66
N LYS B 135 -40.08 -14.60 -17.65
CA LYS B 135 -39.47 -13.44 -18.30
C LYS B 135 -39.11 -12.34 -17.30
N LEU B 136 -40.01 -12.07 -16.36
CA LEU B 136 -39.71 -11.06 -15.34
C LEU B 136 -38.53 -11.48 -14.47
N LEU B 137 -38.43 -12.77 -14.16
CA LEU B 137 -37.33 -13.25 -13.31
C LEU B 137 -36.04 -13.36 -14.12
N LYS B 138 -36.10 -14.03 -15.27
CA LYS B 138 -34.91 -14.13 -16.11
C LYS B 138 -34.41 -12.77 -16.54
N GLN B 139 -35.32 -11.82 -16.80
CA GLN B 139 -34.84 -10.48 -17.12
C GLN B 139 -34.32 -9.77 -15.88
N ASN B 140 -35.01 -9.91 -14.75
CA ASN B 140 -34.48 -9.37 -13.51
C ASN B 140 -33.13 -10.00 -13.16
N ALA B 141 -33.02 -11.31 -13.38
CA ALA B 141 -31.74 -11.98 -13.16
C ALA B 141 -30.66 -11.39 -14.05
N ARG B 142 -30.97 -11.22 -15.34
CA ARG B 142 -30.02 -10.61 -16.27
C ARG B 142 -29.61 -9.22 -15.82
N GLU B 143 -30.52 -8.47 -15.20
CA GLU B 143 -30.17 -7.12 -14.72
C GLU B 143 -29.23 -7.21 -13.53
N ILE B 144 -29.45 -8.18 -12.64
CA ILE B 144 -28.56 -8.36 -11.50
C ILE B 144 -27.17 -8.72 -11.98
N CYS B 145 -27.09 -9.66 -12.93
CA CYS B 145 -25.80 -10.07 -13.47
C CYS B 145 -25.03 -8.88 -14.02
N GLU B 146 -25.72 -7.97 -14.67
CA GLU B 146 -25.02 -6.83 -15.25
C GLU B 146 -24.64 -5.82 -14.17
N SER B 147 -25.45 -5.72 -13.12
CA SER B 147 -25.11 -4.87 -12.00
C SER B 147 -24.11 -5.51 -11.04
N ILE B 148 -23.88 -6.81 -11.14
CA ILE B 148 -23.04 -7.52 -10.18
C ILE B 148 -21.73 -7.99 -10.78
N LEU B 149 -21.68 -8.25 -12.09
CA LEU B 149 -20.52 -8.88 -12.74
C LEU B 149 -19.64 -7.83 -13.41
N MET B 150 -18.55 -8.31 -14.00
CA MET B 150 -17.57 -7.46 -14.66
C MET B 150 -17.77 -7.38 -16.16
N ASP B 151 -18.53 -8.31 -16.74
CA ASP B 151 -18.69 -8.35 -18.19
C ASP B 151 -20.00 -8.44 -18.96
N GLU B 152 -20.59 -9.58 -18.93
CA GLU B 152 -21.76 -9.79 -19.67
C GLU B 152 -21.88 -11.02 -18.94
N PRO B 153 -23.09 -11.40 -18.77
CA PRO B 153 -23.47 -12.68 -18.30
C PRO B 153 -23.49 -13.75 -19.35
N ASN B 154 -23.04 -14.92 -18.94
CA ASN B 154 -23.11 -16.10 -19.78
C ASN B 154 -24.37 -16.92 -19.39
N LEU B 155 -24.88 -17.84 -20.22
CA LEU B 155 -26.12 -18.48 -19.76
C LEU B 155 -26.10 -18.91 -18.30
N LYS B 156 -25.09 -19.71 -17.93
CA LYS B 156 -25.03 -20.25 -16.56
C LYS B 156 -25.07 -19.13 -15.52
N GLN B 157 -24.41 -18.01 -15.80
CA GLN B 157 -24.43 -16.92 -14.83
C GLN B 157 -25.82 -16.34 -14.68
N VAL B 158 -26.57 -16.27 -15.77
CA VAL B 158 -27.97 -15.86 -15.67
C VAL B 158 -28.78 -16.93 -14.95
N GLU B 159 -28.57 -18.19 -15.35
CA GLU B 159 -29.26 -19.32 -14.71
C GLU B 159 -29.06 -19.33 -13.20
N TYR B 160 -27.84 -19.01 -12.73
CA TYR B 160 -27.55 -19.00 -11.30
C TYR B 160 -28.43 -17.99 -10.56
N ILE B 161 -28.46 -16.74 -11.04
CA ILE B 161 -29.25 -15.73 -10.34
C ILE B 161 -30.73 -15.94 -10.56
N PHE B 162 -31.10 -16.51 -11.72
CA PHE B 162 -32.50 -16.82 -11.96
C PHE B 162 -32.98 -17.88 -10.99
N ARG B 163 -32.21 -18.96 -10.83
CA ARG B 163 -32.57 -19.97 -9.84
C ARG B 163 -32.54 -19.41 -8.43
N LEU B 164 -31.62 -18.51 -8.14
CA LEU B 164 -31.65 -17.84 -6.83
C LEU B 164 -32.96 -17.08 -6.64
N LEU B 165 -33.41 -16.36 -7.68
CA LEU B 165 -34.69 -15.67 -7.61
C LEU B 165 -35.85 -16.65 -7.44
N ALA B 166 -35.88 -17.71 -8.26
CA ALA B 166 -37.00 -18.63 -8.21
C ALA B 166 -37.15 -19.27 -6.83
N LEU B 167 -36.04 -19.79 -6.27
CA LEU B 167 -36.11 -20.39 -4.95
C LEU B 167 -36.55 -19.36 -3.92
N GLN B 168 -36.12 -18.12 -4.08
CA GLN B 168 -36.52 -17.09 -3.13
C GLN B 168 -38.02 -16.83 -3.16
N VAL B 169 -38.62 -16.80 -4.37
CA VAL B 169 -40.06 -16.58 -4.48
C VAL B 169 -40.84 -17.76 -3.93
N GLN B 170 -40.34 -18.98 -4.12
CA GLN B 170 -41.02 -20.15 -3.58
C GLN B 170 -40.95 -20.20 -2.06
N GLU B 171 -39.97 -19.55 -1.43
CA GLU B 171 -39.94 -19.44 0.02
C GLU B 171 -40.58 -18.17 0.53
N THR B 172 -40.59 -17.10 -0.28
CA THR B 172 -41.27 -15.89 0.14
C THR B 172 -42.78 -16.06 0.10
N TYR B 173 -43.25 -16.98 -0.75
CA TYR B 173 -44.68 -17.29 -0.85
C TYR B 173 -44.96 -18.58 -0.08
N SER B 174 -46.01 -18.58 0.70
CA SER B 174 -46.50 -19.72 1.46
C SER B 174 -48.00 -19.47 1.66
N GLY B 175 -48.82 -20.53 1.54
CA GLY B 175 -50.28 -20.39 1.56
C GLY B 175 -50.89 -20.58 0.19
N GLU B 176 -52.06 -20.01 -0.09
CA GLU B 176 -52.64 -20.27 -1.41
C GLU B 176 -51.85 -19.56 -2.50
N GLN B 177 -51.49 -18.30 -2.26
CA GLN B 177 -50.71 -17.57 -3.24
C GLN B 177 -49.60 -18.43 -3.89
N ALA B 178 -49.06 -19.45 -3.22
CA ALA B 178 -48.18 -20.37 -3.98
C ALA B 178 -49.01 -21.24 -4.93
N GLU B 179 -50.07 -21.86 -4.41
CA GLU B 179 -50.98 -22.66 -5.24
C GLU B 179 -51.51 -21.86 -6.43
N LYS B 180 -51.95 -20.62 -6.19
CA LYS B 180 -52.32 -19.74 -7.29
C LYS B 180 -51.12 -19.48 -8.19
N LEU B 181 -50.04 -18.95 -7.60
CA LEU B 181 -48.85 -18.59 -8.37
C LEU B 181 -48.31 -19.78 -9.15
N TYR B 182 -48.24 -20.94 -8.50
CA TYR B 182 -47.84 -22.14 -9.22
C TYR B 182 -48.78 -22.40 -10.39
N GLU B 183 -50.09 -22.21 -10.17
CA GLU B 183 -51.05 -22.30 -11.26
C GLU B 183 -50.78 -21.21 -12.30
N CYS B 184 -50.51 -19.99 -11.83
CA CYS B 184 -50.27 -18.86 -12.73
C CYS B 184 -49.04 -19.10 -13.61
N ILE B 185 -47.95 -19.59 -13.02
CA ILE B 185 -46.69 -19.68 -13.76
C ILE B 185 -46.76 -20.72 -14.87
N ARG B 186 -47.23 -21.91 -14.53
CA ARG B 186 -47.37 -23.03 -15.45
C ARG B 186 -48.49 -22.90 -16.44
N ASP B 187 -49.52 -22.21 -16.04
CA ASP B 187 -50.66 -22.03 -16.92
C ASP B 187 -50.48 -20.77 -17.75
N LYS B 188 -49.23 -20.34 -17.90
CA LYS B 188 -48.84 -19.13 -18.63
C LYS B 188 -49.88 -18.02 -18.47
N LYS B 189 -50.12 -17.61 -17.22
CA LYS B 189 -50.99 -16.48 -16.97
C LYS B 189 -50.15 -15.25 -16.69
N PRO B 190 -50.76 -14.08 -16.56
CA PRO B 190 -49.98 -12.85 -16.42
C PRO B 190 -49.42 -12.76 -15.01
N ILE B 191 -48.48 -11.85 -14.84
CA ILE B 191 -47.88 -11.68 -13.51
C ILE B 191 -48.95 -11.18 -12.54
N PRO B 192 -49.15 -11.83 -11.40
CA PRO B 192 -50.23 -11.40 -10.48
C PRO B 192 -50.06 -9.94 -10.09
N SER B 193 -51.15 -9.39 -9.55
CA SER B 193 -51.14 -8.00 -9.10
C SER B 193 -50.07 -7.80 -8.03
N LYS B 194 -49.29 -6.71 -8.19
CA LYS B 194 -48.26 -6.30 -7.24
C LYS B 194 -47.16 -7.35 -7.08
N PHE B 195 -47.08 -8.32 -7.99
CA PHE B 195 -46.02 -9.31 -7.92
C PHE B 195 -44.65 -8.65 -8.04
N GLU B 196 -44.54 -7.60 -8.86
CA GLU B 196 -43.31 -6.84 -8.94
C GLU B 196 -43.07 -6.01 -7.69
N GLU B 197 -44.00 -6.03 -6.73
CA GLU B 197 -43.77 -5.43 -5.43
C GLU B 197 -43.18 -6.41 -4.42
N ILE B 198 -43.52 -7.70 -4.55
CA ILE B 198 -42.85 -8.73 -3.76
C ILE B 198 -41.45 -9.01 -4.28
N LEU B 199 -41.24 -8.85 -5.59
CA LEU B 199 -39.96 -9.22 -6.21
C LEU B 199 -38.87 -8.18 -6.01
N LEU B 200 -39.19 -6.97 -5.57
CA LEU B 200 -38.12 -5.99 -5.37
C LEU B 200 -37.25 -6.33 -4.18
N PRO B 201 -37.78 -6.58 -2.98
CA PRO B 201 -36.90 -6.99 -1.86
C PRO B 201 -36.08 -8.22 -2.19
N ILE B 202 -36.65 -9.20 -2.89
CA ILE B 202 -35.91 -10.39 -3.26
C ILE B 202 -34.77 -10.02 -4.21
N VAL B 203 -35.07 -9.19 -5.20
CA VAL B 203 -34.07 -8.85 -6.21
C VAL B 203 -32.97 -7.99 -5.61
N ASN B 204 -33.34 -7.04 -4.75
CA ASN B 204 -32.32 -6.19 -4.12
C ASN B 204 -31.48 -6.99 -3.14
N ARG B 205 -32.06 -8.00 -2.51
CA ARG B 205 -31.29 -8.82 -1.59
C ARG B 205 -30.22 -9.63 -2.32
N ILE B 206 -30.61 -10.37 -3.35
CA ILE B 206 -29.65 -11.12 -4.14
C ILE B 206 -28.58 -10.20 -4.72
N LYS B 207 -28.98 -9.01 -5.18
CA LYS B 207 -28.04 -8.08 -5.79
C LYS B 207 -27.06 -7.55 -4.74
N GLU B 208 -27.57 -7.13 -3.58
CA GLU B 208 -26.70 -6.62 -2.53
C GLU B 208 -25.72 -7.68 -2.05
N ASN B 209 -26.19 -8.92 -1.93
CA ASN B 209 -25.37 -10.00 -1.41
C ASN B 209 -24.15 -10.30 -2.26
N HIS B 210 -24.13 -9.82 -3.51
CA HIS B 210 -23.04 -10.11 -4.42
C HIS B 210 -22.19 -8.89 -4.72
N THR B 211 -22.38 -7.79 -3.99
CA THR B 211 -21.68 -6.55 -4.27
C THR B 211 -21.09 -5.94 -3.00
N GLU B 212 -21.80 -6.08 -1.89
CA GLU B 212 -21.33 -5.58 -0.61
C GLU B 212 -20.34 -6.57 0.01
N ILE B 213 -19.18 -6.06 0.44
CA ILE B 213 -18.17 -6.88 1.07
C ILE B 213 -18.73 -7.55 2.32
N LEU B 214 -18.44 -8.85 2.47
CA LEU B 214 -18.85 -9.58 3.67
C LEU B 214 -18.49 -8.78 4.92
N ASN B 215 -19.44 -8.65 5.85
CA ASN B 215 -19.12 -7.94 7.08
C ASN B 215 -18.30 -8.82 8.04
N GLU B 216 -17.72 -8.16 9.04
CA GLU B 216 -16.78 -8.84 9.91
C GLU B 216 -17.42 -9.99 10.68
N SER B 217 -18.75 -9.97 10.80
CA SER B 217 -19.42 -11.07 11.49
C SER B 217 -19.43 -12.32 10.63
N LYS B 218 -19.41 -12.16 9.31
CA LYS B 218 -19.36 -13.28 8.39
C LYS B 218 -17.93 -13.74 8.08
N ARG B 219 -16.93 -13.08 8.66
CA ARG B 219 -15.53 -13.42 8.40
C ARG B 219 -14.80 -13.93 9.65
N ASN B 220 -15.54 -14.40 10.66
CA ASN B 220 -14.95 -14.91 11.90
C ASN B 220 -14.40 -16.31 11.67
N HIS B 221 -13.08 -16.43 11.61
CA HIS B 221 -12.41 -17.70 11.39
C HIS B 221 -11.60 -18.06 12.62
N LEU B 222 -11.96 -19.17 13.27
CA LEU B 222 -11.29 -19.60 14.49
C LEU B 222 -11.30 -18.49 15.54
N GLY B 223 -12.41 -17.77 15.60
CA GLY B 223 -12.58 -16.70 16.57
C GLY B 223 -11.88 -15.41 16.22
N VAL B 224 -11.32 -15.30 15.01
CA VAL B 224 -10.57 -14.12 14.60
C VAL B 224 -11.11 -13.64 13.27
N THR B 225 -11.33 -12.32 13.15
CA THR B 225 -11.83 -11.73 11.92
C THR B 225 -10.78 -11.82 10.82
N ILE B 226 -11.18 -12.31 9.66
CA ILE B 226 -10.29 -12.31 8.51
C ILE B 226 -10.20 -10.88 8.00
N GLN B 227 -9.01 -10.27 8.10
CA GLN B 227 -8.80 -8.89 7.73
C GLN B 227 -8.44 -8.81 6.26
N LEU B 228 -9.00 -7.81 5.58
CA LEU B 228 -8.77 -7.64 4.16
C LEU B 228 -7.57 -6.74 3.84
N ASN B 229 -6.96 -6.10 4.84
CA ASN B 229 -5.74 -5.30 4.65
C ASN B 229 -4.48 -6.09 4.97
N ASP B 230 -4.59 -7.42 5.14
CA ASP B 230 -3.47 -8.32 5.35
C ASP B 230 -2.47 -7.73 6.33
N PRO B 231 -2.84 -7.58 7.61
CA PRO B 231 -1.92 -6.96 8.56
C PRO B 231 -0.94 -7.92 9.20
N TYR B 232 -1.18 -9.22 9.10
CA TYR B 232 -0.38 -10.21 9.82
C TYR B 232 0.80 -10.63 8.96
N SER B 233 1.98 -10.67 9.57
CA SER B 233 3.21 -10.97 8.87
C SER B 233 3.62 -12.41 9.10
N PHE B 234 4.26 -12.98 8.08
CA PHE B 234 4.69 -14.37 8.10
C PHE B 234 6.08 -14.49 7.51
N SER B 235 6.74 -15.59 7.85
CA SER B 235 8.06 -15.90 7.31
C SER B 235 7.95 -16.94 6.21
N THR B 236 8.70 -16.73 5.14
CA THR B 236 8.86 -17.70 4.06
C THR B 236 10.08 -18.59 4.27
N LYS B 237 10.72 -18.53 5.44
CA LYS B 237 11.98 -19.25 5.64
C LYS B 237 11.98 -20.09 6.91
N ASN B 238 11.26 -19.64 7.94
CA ASN B 238 11.12 -20.39 9.18
C ASN B 238 10.09 -21.49 9.01
N SER B 239 10.39 -22.67 9.54
CA SER B 239 9.41 -23.75 9.48
C SER B 239 9.75 -24.74 10.57
N PHE B 240 8.74 -25.53 10.95
CA PHE B 240 8.98 -26.68 11.82
C PHE B 240 8.18 -27.86 11.30
N CYS B 241 8.66 -29.05 11.61
CA CYS B 241 7.96 -30.28 11.29
C CYS B 241 8.09 -31.20 12.50
N ILE B 242 7.32 -32.28 12.47
CA ILE B 242 7.23 -33.23 13.58
C ILE B 242 7.52 -34.63 13.05
N TRP B 243 8.32 -35.39 13.79
CA TRP B 243 8.55 -36.79 13.43
C TRP B 243 8.74 -37.61 14.69
N PHE B 244 7.77 -38.45 15.01
CA PHE B 244 7.86 -39.41 16.09
C PHE B 244 8.02 -40.79 15.47
N SER B 245 9.21 -41.39 15.65
CA SER B 245 9.48 -42.69 15.08
C SER B 245 8.78 -43.77 15.87
N ASN B 246 8.18 -44.72 15.15
CA ASN B 246 7.68 -45.95 15.74
C ASN B 246 8.74 -47.04 15.78
N ASN B 247 9.98 -46.72 15.38
CA ASN B 247 11.11 -47.63 15.42
C ASN B 247 12.21 -47.05 16.29
N PRO B 248 12.45 -47.60 17.49
CA PRO B 248 13.46 -47.01 18.38
C PRO B 248 14.88 -47.03 17.82
N ASN B 249 15.17 -47.77 16.74
CA ASN B 249 16.51 -47.82 16.15
C ASN B 249 16.67 -46.93 14.92
N SER B 250 15.62 -46.31 14.46
CA SER B 250 15.69 -45.43 13.32
C SER B 250 14.82 -44.24 13.60
N ALA B 251 15.43 -43.10 13.82
CA ALA B 251 14.67 -41.94 14.17
C ALA B 251 13.87 -41.32 13.08
N MET B 252 14.30 -41.44 11.86
CA MET B 252 13.65 -40.87 10.73
C MET B 252 14.22 -41.51 9.50
N PRO B 253 13.38 -41.79 8.52
CA PRO B 253 13.82 -42.40 7.29
C PRO B 253 14.77 -41.52 6.54
N LYS B 254 15.72 -42.14 5.88
CA LYS B 254 16.71 -41.48 5.12
C LYS B 254 16.16 -40.52 4.13
N LYS B 255 15.11 -40.90 3.44
CA LYS B 255 14.55 -40.04 2.41
C LYS B 255 13.97 -38.76 3.01
N ILE B 256 13.37 -38.85 4.20
CA ILE B 256 12.89 -37.65 4.87
C ILE B 256 14.06 -36.81 5.37
N LYS B 257 15.10 -37.47 5.90
CA LYS B 257 16.30 -36.74 6.29
C LYS B 257 16.83 -35.94 5.13
N ASP B 258 16.88 -36.55 3.94
CA ASP B 258 17.35 -35.81 2.77
C ASP B 258 16.49 -34.59 2.51
N ILE B 259 15.19 -34.69 2.78
CA ILE B 259 14.29 -33.58 2.49
C ILE B 259 14.55 -32.41 3.44
N LEU B 260 14.73 -32.71 4.72
CA LEU B 260 15.02 -31.67 5.70
C LEU B 260 16.41 -31.10 5.53
N GLU B 261 17.37 -31.93 5.10
CA GLU B 261 18.68 -31.37 4.78
C GLU B 261 18.56 -30.31 3.70
N GLU B 262 17.77 -30.59 2.67
CA GLU B 262 17.61 -29.60 1.62
C GLU B 262 16.82 -28.39 2.12
N ARG B 263 15.80 -28.62 2.95
CA ARG B 263 15.02 -27.51 3.48
C ARG B 263 15.87 -26.55 4.31
N ALA B 264 16.72 -27.10 5.19
CA ALA B 264 17.58 -26.25 6.03
C ALA B 264 18.55 -25.45 5.19
N LYS B 265 19.14 -26.07 4.17
CA LYS B 265 20.07 -25.33 3.32
C LYS B 265 19.34 -24.23 2.56
N GLN B 266 18.30 -24.58 1.88
CA GLN B 266 17.57 -23.64 1.10
C GLN B 266 17.04 -22.47 1.87
N ASN B 267 16.60 -22.68 3.09
CA ASN B 267 16.06 -21.62 3.90
C ASN B 267 16.85 -20.38 4.37
N ALA B 268 18.13 -20.48 4.14
CA ALA B 268 19.20 -19.64 4.55
C ALA B 268 19.07 -19.68 6.00
N PRO B 269 19.14 -18.56 6.65
CA PRO B 269 19.40 -18.39 8.05
C PRO B 269 18.14 -18.52 8.80
N GLY B 270 17.11 -18.96 8.11
CA GLY B 270 15.85 -19.20 8.76
C GLY B 270 15.89 -20.47 9.56
N VAL B 271 14.97 -20.58 10.47
CA VAL B 271 14.89 -21.74 11.29
C VAL B 271 14.31 -22.91 10.58
N THR B 272 14.92 -24.04 10.74
CA THR B 272 14.39 -25.31 10.26
C THR B 272 14.31 -26.22 11.48
N LYS B 273 13.17 -26.18 12.16
CA LYS B 273 12.97 -26.90 13.40
C LYS B 273 12.36 -28.28 13.14
N LEU B 274 12.76 -29.26 13.96
CA LEU B 274 12.26 -30.61 13.87
C LEU B 274 11.87 -31.06 15.27
N VAL B 275 10.59 -31.41 15.46
CA VAL B 275 10.10 -31.88 16.75
C VAL B 275 10.05 -33.40 16.75
N TYR B 276 10.51 -34.01 17.84
CA TYR B 276 10.51 -35.45 17.97
C TYR B 276 10.35 -35.78 19.46
N SER B 277 10.48 -37.07 19.79
CA SER B 277 10.32 -37.52 21.16
C SER B 277 11.48 -38.43 21.52
N ARG B 278 12.24 -38.02 22.55
CA ARG B 278 13.36 -38.81 23.02
C ARG B 278 12.92 -40.20 23.48
N ALA B 279 11.75 -40.28 24.14
CA ALA B 279 11.28 -41.56 24.66
C ALA B 279 11.02 -42.59 23.56
N CYS B 280 10.95 -42.19 22.30
CA CYS B 280 10.70 -43.15 21.23
C CYS B 280 11.97 -43.68 20.62
N LEU B 281 13.13 -43.13 20.98
CA LEU B 281 14.39 -43.54 20.38
C LEU B 281 15.27 -44.24 21.43
N THR B 282 16.22 -45.05 20.95
CA THR B 282 17.20 -45.60 21.88
C THR B 282 18.22 -44.54 22.23
N LYS B 283 18.91 -44.78 23.34
CA LYS B 283 19.99 -43.89 23.71
C LYS B 283 20.93 -43.71 22.52
N LYS B 284 21.39 -44.82 21.94
CA LYS B 284 22.35 -44.76 20.85
C LYS B 284 21.78 -44.00 19.65
N GLU B 285 20.54 -44.32 19.26
CA GLU B 285 19.97 -43.69 18.07
C GLU B 285 19.70 -42.22 18.32
N ASN B 286 19.31 -41.86 19.54
CA ASN B 286 19.12 -40.46 19.85
C ASN B 286 20.41 -39.67 19.64
N THR B 287 21.54 -40.23 20.08
CA THR B 287 22.81 -39.56 19.85
C THR B 287 23.08 -39.36 18.37
N ASN B 288 22.86 -40.42 17.58
CA ASN B 288 23.00 -40.32 16.13
C ASN B 288 22.12 -39.19 15.59
N PHE B 289 20.84 -39.20 15.98
CA PHE B 289 19.89 -38.17 15.54
C PHE B 289 20.38 -36.77 15.94
N VAL B 290 20.75 -36.61 17.21
CA VAL B 290 21.13 -35.27 17.67
C VAL B 290 22.31 -34.74 16.88
N GLN B 291 23.24 -35.62 16.48
CA GLN B 291 24.39 -35.15 15.71
C GLN B 291 24.02 -34.90 14.25
N TRP B 292 23.19 -35.75 13.65
CA TRP B 292 22.78 -35.52 12.26
C TRP B 292 22.15 -34.15 12.10
N ALA B 293 21.29 -33.76 13.05
CA ALA B 293 20.68 -32.44 12.97
C ALA B 293 21.73 -31.35 13.15
N LYS B 294 22.65 -31.52 14.10
CA LYS B 294 23.69 -30.51 14.29
C LYS B 294 24.52 -30.32 13.02
N GLU B 295 24.85 -31.43 12.35
CA GLU B 295 25.65 -31.36 11.13
C GLU B 295 24.93 -30.69 9.97
N ASN B 296 23.59 -30.62 10.00
CA ASN B 296 22.86 -30.12 8.84
C ASN B 296 22.04 -28.88 9.16
N GLY B 297 22.37 -28.19 10.26
CA GLY B 297 21.71 -26.93 10.58
C GLY B 297 20.22 -27.03 10.88
N ILE B 298 19.77 -28.17 11.42
CA ILE B 298 18.38 -28.41 11.80
C ILE B 298 18.26 -28.24 13.31
N THR B 299 17.26 -27.47 13.74
CA THR B 299 17.02 -27.21 15.16
C THR B 299 16.09 -28.29 15.74
N LEU B 300 16.62 -29.14 16.61
CA LEU B 300 15.87 -30.21 17.24
C LEU B 300 15.17 -29.73 18.50
N LEU B 301 13.99 -30.31 18.75
CA LEU B 301 13.15 -30.01 19.91
C LEU B 301 12.62 -31.32 20.45
N ASP B 302 12.96 -31.64 21.71
CA ASP B 302 12.62 -32.94 22.28
C ASP B 302 11.13 -33.05 22.64
N PHE B 303 10.47 -31.98 23.03
CA PHE B 303 9.03 -32.04 23.32
C PHE B 303 8.56 -33.10 24.29
N ASP B 304 9.47 -33.94 24.80
CA ASP B 304 9.34 -34.60 26.10
C ASP B 304 9.77 -33.66 27.24
N GLU B 305 10.67 -32.73 26.95
CA GLU B 305 11.18 -31.80 27.94
C GLU B 305 10.37 -30.52 28.04
N LEU B 306 9.38 -30.36 27.18
CA LEU B 306 8.57 -29.15 27.15
C LEU B 306 7.75 -29.02 28.43
N LYS B 307 7.70 -27.83 29.00
CA LYS B 307 6.84 -27.52 30.14
C LYS B 307 5.68 -26.67 29.64
N CYS B 308 4.47 -27.15 29.89
CA CYS B 308 3.25 -26.54 29.38
C CYS B 308 2.27 -26.28 30.51
N GLN B 309 1.36 -25.34 30.24
CA GLN B 309 0.22 -25.08 31.10
C GLN B 309 -1.03 -25.11 30.24
N GLY B 310 -2.19 -25.24 30.89
CA GLY B 310 -3.46 -25.08 30.19
C GLY B 310 -3.62 -26.00 28.98
N GLU B 311 -4.25 -25.46 27.92
CA GLU B 311 -4.52 -26.26 26.71
C GLU B 311 -3.26 -26.92 26.18
N ASP B 312 -2.14 -26.20 26.17
CA ASP B 312 -0.86 -26.79 25.79
C ASP B 312 -0.65 -28.09 26.54
N LEU B 313 -0.92 -28.09 27.85
CA LEU B 313 -0.66 -29.29 28.63
C LEU B 313 -1.66 -30.38 28.31
N GLU B 314 -2.91 -30.03 28.05
CA GLU B 314 -3.89 -31.04 27.66
C GLU B 314 -3.48 -31.68 26.33
N LEU B 315 -3.01 -30.87 25.37
CA LEU B 315 -2.53 -31.43 24.11
C LEU B 315 -1.30 -32.30 24.34
N TRP B 316 -0.37 -31.81 25.17
CA TRP B 316 0.86 -32.55 25.47
C TRP B 316 0.56 -33.91 26.09
N ASN B 317 -0.37 -33.93 27.03
CA ASN B 317 -0.69 -35.20 27.69
C ASN B 317 -1.35 -36.18 26.71
N LEU B 318 -2.24 -35.69 25.85
CA LEU B 318 -2.85 -36.54 24.83
C LEU B 318 -1.80 -37.08 23.85
N ALA B 319 -0.86 -36.23 23.42
CA ALA B 319 0.18 -36.70 22.53
C ALA B 319 1.03 -37.77 23.19
N GLN B 320 1.46 -37.53 24.43
CA GLN B 320 2.29 -38.52 25.12
C GLN B 320 1.54 -39.83 25.32
N ALA B 321 0.22 -39.77 25.52
CA ALA B 321 -0.57 -41.00 25.63
C ALA B 321 -0.62 -41.76 24.30
N GLU B 322 -0.83 -41.05 23.19
CA GLU B 322 -0.77 -41.67 21.88
C GLU B 322 0.55 -42.40 21.67
N LEU B 323 1.64 -41.76 21.98
CA LEU B 323 2.92 -42.32 21.80
C LEU B 323 3.23 -43.43 22.75
N LYS B 324 2.70 -43.36 23.94
CA LYS B 324 2.92 -44.41 24.88
C LYS B 324 2.18 -45.63 24.40
N ALA B 325 0.96 -45.41 23.95
CA ALA B 325 0.18 -46.50 23.41
C ALA B 325 0.73 -47.06 22.13
N MET B 326 1.44 -46.28 21.34
CA MET B 326 2.04 -46.80 20.14
C MET B 326 3.22 -47.66 20.51
N ARG B 327 3.94 -47.30 21.55
CA ARG B 327 5.10 -48.05 21.96
C ARG B 327 4.70 -49.38 22.51
N GLU B 328 3.62 -49.38 23.23
CA GLU B 328 3.09 -50.54 23.85
C GLU B 328 2.15 -51.33 23.00
N GLY B 329 2.05 -51.05 21.73
CA GLY B 329 1.19 -51.78 20.84
C GLY B 329 -0.23 -51.81 21.31
N LYS B 330 -0.70 -50.71 21.79
CA LYS B 330 -2.05 -50.64 22.32
C LYS B 330 -2.91 -49.58 21.61
N GLY B 331 -2.70 -49.42 20.31
CA GLY B 331 -3.58 -48.60 19.49
C GLY B 331 -3.17 -47.15 19.28
N GLY B 332 -1.99 -46.76 19.73
CA GLY B 332 -1.55 -45.39 19.55
C GLY B 332 -1.02 -45.10 18.16
N ASN B 333 -0.98 -43.81 17.82
CA ASN B 333 -0.58 -43.42 16.49
C ASN B 333 0.35 -42.21 16.50
N PRO B 334 1.51 -42.28 15.85
CA PRO B 334 2.40 -41.11 15.87
C PRO B 334 1.86 -39.97 15.03
N ALA B 335 1.07 -40.26 13.99
CA ALA B 335 0.46 -39.16 13.25
C ALA B 335 -0.56 -38.42 14.09
N ALA B 336 -1.39 -39.13 14.86
CA ALA B 336 -2.27 -38.44 15.78
C ALA B 336 -1.48 -37.59 16.77
N ALA B 337 -0.37 -38.11 17.28
CA ALA B 337 0.44 -37.30 18.17
C ALA B 337 0.90 -36.02 17.46
N SER B 338 1.37 -36.16 16.22
CA SER B 338 1.81 -35.00 15.46
C SER B 338 0.66 -34.03 15.19
N ASP B 339 -0.56 -34.54 15.02
CA ASP B 339 -1.72 -33.67 14.81
C ASP B 339 -1.93 -32.76 16.01
N LEU B 340 -1.61 -33.22 17.21
CA LEU B 340 -1.89 -32.42 18.39
C LEU B 340 -0.70 -31.53 18.76
N VAL B 341 0.53 -32.02 18.59
CA VAL B 341 1.75 -31.26 18.89
C VAL B 341 1.87 -30.02 18.01
N ARG B 342 1.35 -30.09 16.78
CA ARG B 342 1.23 -28.97 15.85
C ARG B 342 0.81 -27.66 16.51
N TRP B 343 -0.11 -27.75 17.47
CA TRP B 343 -0.83 -26.60 18.01
C TRP B 343 -0.36 -26.20 19.40
N ILE B 344 0.72 -26.77 19.90
CA ILE B 344 1.23 -26.39 21.21
C ILE B 344 2.08 -25.14 21.02
N SER B 345 1.74 -24.08 21.75
CA SER B 345 2.40 -22.77 21.57
C SER B 345 3.91 -22.87 21.78
N GLY B 346 4.35 -23.63 22.79
CA GLY B 346 5.78 -23.76 23.03
C GLY B 346 6.51 -24.48 21.91
N VAL B 347 5.79 -25.35 21.17
CA VAL B 347 6.34 -26.05 20.02
C VAL B 347 6.40 -25.12 18.81
N ILE B 348 5.35 -24.32 18.60
CA ILE B 348 5.34 -23.39 17.47
C ILE B 348 6.40 -22.32 17.67
N GLY B 349 6.43 -21.70 18.84
CA GLY B 349 7.36 -20.62 19.08
C GLY B 349 6.70 -19.28 18.88
N ASP B 350 7.50 -18.24 19.10
CA ASP B 350 7.01 -16.87 19.10
C ASP B 350 7.26 -16.12 17.81
N VAL B 351 8.18 -16.57 16.98
CA VAL B 351 8.42 -15.90 15.71
C VAL B 351 7.54 -16.53 14.64
N PRO B 352 7.15 -15.79 13.62
CA PRO B 352 6.37 -16.40 12.54
C PRO B 352 7.05 -17.69 12.06
N ILE B 353 6.23 -18.68 11.72
CA ILE B 353 6.77 -19.98 11.33
C ILE B 353 5.68 -20.82 10.70
N ALA B 354 6.06 -21.64 9.71
CA ALA B 354 5.12 -22.52 9.03
C ALA B 354 5.32 -23.94 9.53
N TYR B 355 4.23 -24.59 9.93
CA TYR B 355 4.27 -26.03 10.08
C TYR B 355 4.19 -26.69 8.70
N VAL B 356 4.98 -27.74 8.49
CA VAL B 356 4.92 -28.53 7.28
C VAL B 356 5.13 -30.00 7.64
N ASP B 357 4.42 -30.89 6.93
CA ASP B 357 4.71 -32.31 7.05
C ASP B 357 6.19 -32.51 6.79
N ALA B 358 6.81 -33.43 7.52
CA ALA B 358 8.25 -33.58 7.41
C ALA B 358 8.69 -33.82 5.96
N ASP B 359 7.84 -34.40 5.16
CA ASP B 359 8.21 -34.65 3.79
C ASP B 359 7.90 -33.59 2.78
N MET B 360 7.25 -32.52 3.15
CA MET B 360 6.93 -31.46 2.23
C MET B 360 8.09 -30.89 1.46
N PRO B 361 7.96 -30.82 0.16
CA PRO B 361 8.98 -30.28 -0.71
C PRO B 361 8.85 -28.78 -0.89
N MET B 362 9.74 -28.21 -1.66
CA MET B 362 9.77 -26.78 -1.81
C MET B 362 9.84 -26.32 -3.21
N LEU B 363 9.47 -25.09 -3.42
CA LEU B 363 9.48 -24.49 -4.73
C LEU B 363 10.76 -23.77 -5.06
N THR B 364 11.90 -24.18 -4.49
CA THR B 364 13.19 -23.52 -4.74
C THR B 364 13.46 -23.21 -6.20
N GLY B 365 13.83 -21.98 -6.46
CA GLY B 365 14.08 -21.61 -7.82
C GLY B 365 13.75 -20.21 -8.18
N ASN B 366 13.65 -19.99 -9.46
CA ASN B 366 13.38 -18.61 -9.89
C ASN B 366 12.00 -18.14 -9.46
N LYS B 367 10.99 -19.02 -9.54
CA LYS B 367 9.62 -18.62 -9.25
C LYS B 367 9.22 -18.96 -7.81
N SER B 368 10.20 -19.03 -6.91
CA SER B 368 9.95 -19.11 -5.48
C SER B 368 9.77 -17.70 -4.95
N ILE B 369 9.79 -17.52 -3.63
CA ILE B 369 9.60 -16.23 -3.01
C ILE B 369 10.93 -15.76 -2.46
N LYS B 370 11.35 -14.56 -2.87
CA LYS B 370 12.63 -14.02 -2.45
C LYS B 370 12.54 -13.39 -1.07
N SER B 371 11.44 -12.70 -0.79
CA SER B 371 11.27 -11.98 0.46
C SER B 371 11.09 -12.93 1.63
N GLU B 372 11.73 -12.60 2.76
CA GLU B 372 11.59 -13.40 3.97
C GLU B 372 10.24 -13.19 4.66
N GLU B 373 9.56 -12.11 4.35
CA GLU B 373 8.34 -11.71 5.03
C GLU B 373 7.22 -11.52 4.02
N VAL B 374 6.06 -12.06 4.33
CA VAL B 374 4.85 -11.84 3.56
C VAL B 374 3.76 -11.50 4.57
N TYR B 375 2.60 -11.09 4.05
CA TYR B 375 1.49 -10.65 4.86
C TYR B 375 0.22 -11.36 4.40
N ALA B 376 -0.70 -11.57 5.35
CA ALA B 376 -1.99 -12.17 5.06
C ALA B 376 -3.01 -11.59 6.03
N GLY B 377 -4.26 -12.00 5.89
CA GLY B 377 -5.35 -11.40 6.65
C GLY B 377 -5.78 -12.16 7.88
N HIS B 378 -5.01 -13.16 8.30
CA HIS B 378 -5.40 -13.99 9.42
C HIS B 378 -4.13 -14.51 10.07
N PRO B 379 -4.13 -14.71 11.39
CA PRO B 379 -2.91 -15.15 12.08
C PRO B 379 -2.54 -16.62 11.83
N VAL B 380 -3.51 -17.47 11.48
CA VAL B 380 -3.25 -18.89 11.28
C VAL B 380 -3.77 -19.25 9.89
N LEU B 381 -2.85 -19.55 8.96
CA LEU B 381 -3.19 -19.83 7.57
C LEU B 381 -3.13 -21.33 7.32
N LEU B 382 -4.25 -21.93 7.08
CA LEU B 382 -4.31 -23.32 6.73
C LEU B 382 -4.10 -23.54 5.23
N ASN B 383 -4.00 -24.76 4.77
CA ASN B 383 -3.87 -25.04 3.36
C ASN B 383 -5.24 -25.19 2.82
N MET B 384 -5.53 -24.52 1.74
CA MET B 384 -6.84 -24.55 1.16
C MET B 384 -6.80 -24.67 -0.32
N GLY B 385 -7.87 -25.18 -0.87
CA GLY B 385 -8.09 -25.32 -2.27
C GLY B 385 -9.56 -25.54 -2.57
N SER B 386 -9.90 -25.78 -3.80
CA SER B 386 -11.27 -26.01 -4.19
C SER B 386 -11.45 -26.84 -5.40
N ALA B 387 -12.56 -27.51 -5.48
CA ALA B 387 -12.87 -28.34 -6.61
C ALA B 387 -14.17 -27.92 -7.20
N LEU B 388 -14.24 -27.87 -8.51
CA LEU B 388 -15.44 -27.46 -9.22
C LEU B 388 -16.25 -28.63 -9.72
N VAL B 389 -17.46 -28.73 -9.23
CA VAL B 389 -18.36 -29.83 -9.58
C VAL B 389 -19.42 -29.28 -10.53
N LYS B 390 -19.40 -29.75 -11.77
CA LYS B 390 -20.38 -29.30 -12.74
C LYS B 390 -21.81 -29.57 -12.24
N ASP B 391 -22.70 -28.64 -12.51
CA ASP B 391 -24.06 -28.74 -12.08
C ASP B 391 -25.06 -28.44 -13.18
N GLY B 392 -24.82 -28.98 -14.35
CA GLY B 392 -25.73 -28.80 -15.45
C GLY B 392 -25.74 -27.44 -16.06
N VAL B 393 -26.89 -26.79 -16.09
CA VAL B 393 -27.00 -25.50 -16.69
C VAL B 393 -26.74 -24.37 -15.72
N ASN B 394 -26.44 -24.68 -14.47
CA ASN B 394 -26.12 -23.68 -13.48
C ASN B 394 -24.59 -23.54 -13.41
N LEU B 395 -24.11 -22.64 -12.59
CA LEU B 395 -22.72 -22.49 -12.35
C LEU B 395 -22.30 -23.67 -11.48
N PRO B 396 -21.08 -24.11 -11.65
CA PRO B 396 -20.57 -25.23 -10.90
C PRO B 396 -20.38 -24.91 -9.46
N MET B 397 -20.50 -25.92 -8.64
CA MET B 397 -20.32 -25.75 -7.24
C MET B 397 -18.86 -25.72 -6.93
N GLU B 398 -18.52 -24.95 -5.94
CA GLU B 398 -17.16 -24.84 -5.52
C GLU B 398 -17.06 -25.48 -4.19
N ASN B 399 -16.36 -26.59 -4.11
CA ASN B 399 -16.22 -27.28 -2.85
C ASN B 399 -14.85 -27.05 -2.32
N VAL B 400 -14.77 -26.34 -1.24
CA VAL B 400 -13.51 -26.03 -0.65
C VAL B 400 -12.91 -27.16 0.12
N ALA B 401 -11.61 -27.23 0.11
CA ALA B 401 -10.90 -28.26 0.85
C ALA B 401 -9.95 -27.58 1.83
N PHE B 402 -9.88 -28.14 3.03
CA PHE B 402 -8.94 -27.67 4.05
C PHE B 402 -7.94 -28.78 4.33
N ASN B 403 -6.70 -28.41 4.64
CA ASN B 403 -5.70 -29.40 5.04
C ASN B 403 -4.73 -28.78 6.03
N THR B 404 -4.10 -29.65 6.82
CA THR B 404 -3.16 -29.23 7.83
C THR B 404 -1.73 -29.64 7.52
N ASP B 405 -1.43 -30.04 6.28
CA ASP B 405 -0.05 -30.38 5.92
C ASP B 405 0.84 -29.14 5.77
N ILE B 406 0.24 -27.96 5.66
CA ILE B 406 0.94 -26.69 5.71
C ILE B 406 0.07 -25.72 6.48
N ILE B 407 0.56 -25.21 7.61
CA ILE B 407 -0.10 -24.18 8.42
C ILE B 407 0.91 -23.07 8.65
N ASN B 408 0.64 -21.88 8.13
CA ASN B 408 1.54 -20.74 8.29
C ASN B 408 1.09 -19.91 9.50
N PHE B 409 1.94 -19.82 10.53
CA PHE B 409 1.63 -19.07 11.74
C PHE B 409 2.28 -17.69 11.71
N THR B 410 1.59 -16.71 12.27
CA THR B 410 2.20 -15.41 12.48
C THR B 410 2.96 -15.41 13.82
N GLY B 411 3.56 -14.29 14.17
CA GLY B 411 4.23 -14.20 15.45
C GLY B 411 3.23 -14.25 16.59
N GLU B 412 3.74 -14.43 17.80
CA GLU B 412 2.90 -14.46 18.97
C GLU B 412 2.04 -13.19 19.02
N CYS B 413 0.77 -13.36 19.41
CA CYS B 413 -0.11 -12.21 19.57
C CYS B 413 -1.47 -12.71 20.05
N LYS B 414 -2.26 -11.78 20.57
CA LYS B 414 -3.56 -12.16 21.12
C LYS B 414 -4.37 -12.93 20.07
N ASP B 415 -4.28 -12.52 18.81
CA ASP B 415 -5.09 -13.12 17.76
C ASP B 415 -4.66 -14.57 17.47
N ARG B 416 -3.37 -14.79 17.22
CA ARG B 416 -2.92 -16.16 16.97
C ARG B 416 -3.26 -17.07 18.14
N SER B 417 -3.24 -16.54 19.37
CA SER B 417 -3.59 -17.35 20.52
C SER B 417 -5.07 -17.72 20.53
N ILE B 418 -5.94 -16.82 20.10
CA ILE B 418 -7.36 -17.15 20.00
C ILE B 418 -7.58 -18.31 19.03
N ALA B 419 -7.05 -18.18 17.81
CA ALA B 419 -7.27 -19.22 16.81
C ALA B 419 -6.68 -20.56 17.25
N ILE B 420 -5.52 -20.55 17.89
CA ILE B 420 -4.88 -21.78 18.34
C ILE B 420 -5.69 -22.43 19.45
N LYS B 421 -6.07 -21.64 20.45
CA LYS B 421 -6.89 -22.16 21.53
C LYS B 421 -8.18 -22.74 20.97
N ARG B 422 -8.77 -22.06 19.98
CA ARG B 422 -9.99 -22.57 19.39
C ARG B 422 -9.77 -23.96 18.81
N ILE B 423 -8.62 -24.17 18.14
CA ILE B 423 -8.33 -25.50 17.59
C ILE B 423 -8.02 -26.46 18.73
N ALA B 424 -7.12 -26.07 19.64
CA ALA B 424 -6.73 -26.99 20.70
C ALA B 424 -7.93 -27.44 21.51
N GLN B 425 -8.88 -26.53 21.76
CA GLN B 425 -10.06 -26.92 22.52
C GLN B 425 -10.89 -27.94 21.75
N SER B 426 -10.98 -27.78 20.43
CA SER B 426 -11.72 -28.71 19.60
C SER B 426 -11.10 -30.10 19.63
N LEU B 427 -9.78 -30.18 19.51
CA LEU B 427 -9.12 -31.48 19.50
C LEU B 427 -9.22 -32.16 20.86
N ILE B 428 -9.03 -31.39 21.94
CA ILE B 428 -9.14 -31.98 23.27
C ILE B 428 -10.54 -32.52 23.49
N GLY B 429 -11.57 -31.86 22.96
CA GLY B 429 -12.92 -32.34 23.12
C GLY B 429 -13.17 -33.67 22.43
N ASN B 430 -12.68 -33.82 21.19
CA ASN B 430 -12.85 -35.08 20.47
C ASN B 430 -12.27 -36.25 21.26
N TYR B 431 -11.12 -36.07 21.90
CA TYR B 431 -10.53 -37.14 22.68
C TYR B 431 -11.32 -37.42 23.95
N LEU B 432 -11.92 -36.37 24.53
CA LEU B 432 -12.71 -36.52 25.76
C LEU B 432 -14.08 -37.13 25.50
N HIS B 433 -14.60 -37.06 24.26
CA HIS B 433 -15.93 -37.60 23.94
C HIS B 433 -15.86 -38.46 22.68
N VAL B 434 -15.10 -39.54 22.74
CA VAL B 434 -14.92 -40.37 21.54
C VAL B 434 -16.27 -40.88 21.04
N THR B 435 -17.01 -41.62 21.89
CA THR B 435 -18.24 -42.23 21.39
C THR B 435 -19.27 -41.16 20.99
N GLU B 436 -19.31 -40.03 21.70
CA GLU B 436 -20.23 -38.96 21.31
C GLU B 436 -19.87 -38.42 19.93
N ARG B 437 -18.57 -38.33 19.64
CA ARG B 437 -18.16 -37.87 18.31
C ARG B 437 -18.51 -38.90 17.25
N ILE B 438 -18.28 -40.18 17.53
CA ILE B 438 -18.64 -41.20 16.55
C ILE B 438 -20.14 -41.15 16.28
N SER B 439 -20.96 -41.11 17.34
CA SER B 439 -22.40 -41.15 17.14
C SER B 439 -22.88 -40.01 16.24
N LYS B 440 -22.36 -38.80 16.46
CA LYS B 440 -22.75 -37.64 15.68
C LYS B 440 -21.93 -37.48 14.41
N SER B 441 -20.96 -38.34 14.15
CA SER B 441 -20.07 -38.12 13.03
C SER B 441 -20.82 -38.18 11.72
N GLY B 442 -20.42 -37.32 10.80
CA GLY B 442 -20.89 -37.42 9.44
C GLY B 442 -19.99 -38.25 8.55
N ASN B 443 -18.91 -38.80 9.05
CA ASN B 443 -18.04 -39.60 8.20
C ASN B 443 -18.72 -40.93 7.91
N PRO B 444 -18.77 -41.38 6.65
CA PRO B 444 -19.51 -42.62 6.34
C PRO B 444 -18.98 -43.82 7.11
N GLU B 445 -17.65 -43.97 7.18
CA GLU B 445 -17.12 -45.15 7.85
C GLU B 445 -17.39 -45.11 9.34
N LEU B 446 -17.56 -43.93 9.92
CA LEU B 446 -17.89 -43.89 11.34
C LEU B 446 -19.38 -44.11 11.58
N LYS B 447 -20.20 -43.67 10.63
CA LYS B 447 -21.62 -43.97 10.70
C LYS B 447 -21.85 -45.48 10.71
N ARG B 448 -21.16 -46.21 9.82
CA ARG B 448 -21.25 -47.67 9.81
C ARG B 448 -20.67 -48.27 11.07
N LEU B 449 -19.55 -47.71 11.54
CA LEU B 449 -18.92 -48.24 12.75
C LEU B 449 -19.88 -48.21 13.93
N GLY B 450 -20.75 -47.20 13.98
CA GLY B 450 -21.69 -47.08 15.09
C GLY B 450 -22.83 -48.08 15.04
N LEU B 451 -23.07 -48.69 13.88
CA LEU B 451 -24.08 -49.74 13.75
C LEU B 451 -23.51 -51.14 13.91
N MET B 452 -22.19 -51.29 13.95
CA MET B 452 -21.61 -52.62 13.95
C MET B 452 -21.81 -53.27 15.31
N PRO B 453 -22.34 -54.51 15.37
CA PRO B 453 -22.59 -55.16 16.68
C PRO B 453 -21.36 -55.22 17.57
N GLY B 454 -20.19 -55.49 17.00
CA GLY B 454 -18.96 -55.50 17.78
C GLY B 454 -18.66 -54.17 18.45
N TYR B 455 -19.07 -53.06 17.83
CA TYR B 455 -18.88 -51.76 18.46
C TYR B 455 -19.79 -51.61 19.67
N HIS B 456 -21.09 -51.91 19.48
CA HIS B 456 -22.05 -51.85 20.59
C HIS B 456 -21.63 -52.73 21.76
N GLN B 457 -21.04 -53.89 21.47
CA GLN B 457 -20.56 -54.75 22.54
C GLN B 457 -19.37 -54.15 23.25
N LEU B 458 -18.43 -53.58 22.48
CA LEU B 458 -17.26 -52.89 23.05
C LEU B 458 -17.68 -51.79 24.01
N LEU B 459 -18.57 -50.89 23.58
CA LEU B 459 -19.09 -49.85 24.47
C LEU B 459 -19.73 -50.47 25.71
N LYS B 460 -20.59 -51.47 25.51
CA LYS B 460 -21.27 -52.13 26.62
C LYS B 460 -20.25 -52.65 27.64
N ASP B 461 -19.17 -53.26 27.17
CA ASP B 461 -18.13 -53.73 28.08
C ASP B 461 -17.58 -52.58 28.91
N CYS B 462 -17.31 -51.44 28.28
CA CYS B 462 -16.69 -50.33 29.00
C CYS B 462 -17.62 -49.81 30.08
N GLU B 463 -18.91 -49.70 29.79
CA GLU B 463 -19.87 -49.27 30.79
C GLU B 463 -20.00 -50.29 31.91
N GLU B 464 -19.97 -51.58 31.58
CA GLU B 464 -20.03 -52.60 32.64
C GLU B 464 -18.79 -52.59 33.52
N ASN B 465 -17.65 -52.14 32.99
CA ASN B 465 -16.41 -51.99 33.73
C ASN B 465 -16.13 -50.60 34.24
N ASN B 466 -17.00 -49.65 33.99
CA ASN B 466 -16.67 -48.35 34.44
C ASN B 466 -15.27 -48.17 33.92
N ASN B 467 -15.20 -47.86 32.65
CA ASN B 467 -14.00 -47.67 31.93
C ASN B 467 -14.35 -46.76 30.79
N LYS B 468 -13.62 -45.70 30.61
CA LYS B 468 -13.88 -44.78 29.52
C LYS B 468 -13.30 -45.38 28.25
N LEU B 469 -13.93 -45.20 27.13
CA LEU B 469 -13.42 -45.72 25.88
C LEU B 469 -12.50 -44.73 25.25
N SER B 470 -11.25 -45.04 25.18
CA SER B 470 -10.29 -44.16 24.60
C SER B 470 -10.10 -44.43 23.16
N LEU B 471 -9.59 -43.47 22.46
CA LEU B 471 -9.37 -43.58 21.05
C LEU B 471 -8.43 -44.69 20.72
N PRO B 472 -7.38 -44.88 21.47
CA PRO B 472 -6.45 -45.95 21.23
C PRO B 472 -7.08 -47.27 21.52
N MET B 473 -7.94 -47.35 22.50
CA MET B 473 -8.60 -48.59 22.80
C MET B 473 -9.46 -48.99 21.65
N LEU B 474 -10.18 -48.05 21.10
CA LEU B 474 -10.98 -48.28 19.96
C LEU B 474 -10.16 -48.70 18.78
N ARG B 475 -9.01 -48.10 18.57
CA ARG B 475 -8.16 -48.47 17.45
C ARG B 475 -7.63 -49.84 17.68
N LYS B 476 -7.31 -50.19 18.91
CA LYS B 476 -6.81 -51.49 19.25
C LYS B 476 -7.84 -52.58 19.08
N ALA B 477 -9.05 -52.35 19.51
CA ALA B 477 -10.09 -53.31 19.39
C ALA B 477 -10.32 -53.66 17.95
N LEU B 478 -10.41 -52.66 17.10
CA LEU B 478 -10.66 -52.89 15.70
C LEU B 478 -9.58 -53.68 15.05
N THR B 479 -8.34 -53.42 15.40
CA THR B 479 -7.24 -54.12 14.85
C THR B 479 -7.37 -55.58 15.18
N GLN B 480 -7.64 -55.87 16.42
CA GLN B 480 -7.81 -57.22 16.89
C GLN B 480 -8.92 -57.89 16.12
N ALA B 481 -10.04 -57.21 16.00
CA ALA B 481 -11.15 -57.69 15.27
C ALA B 481 -10.85 -58.05 13.84
N HIS B 482 -10.05 -57.27 13.14
CA HIS B 482 -9.71 -57.59 11.80
C HIS B 482 -8.60 -58.59 11.71
N SER B 483 -8.20 -59.14 12.82
CA SER B 483 -7.10 -60.11 12.78
C SER B 483 -7.53 -61.47 12.24
N ASN B 484 -8.82 -61.75 12.14
CA ASN B 484 -9.27 -63.01 11.54
C ASN B 484 -10.70 -62.85 11.04
N LEU B 485 -11.09 -63.75 10.14
CA LEU B 485 -12.37 -63.60 9.46
C LEU B 485 -13.54 -63.78 10.43
N SER B 486 -13.40 -64.70 11.40
CA SER B 486 -14.49 -64.91 12.35
C SER B 486 -14.69 -63.67 13.21
N SER B 487 -13.62 -63.20 13.89
CA SER B 487 -13.73 -61.95 14.65
C SER B 487 -14.23 -60.82 13.76
N TYR B 488 -13.66 -60.69 12.57
CA TYR B 488 -14.14 -59.67 11.65
C TYR B 488 -15.65 -59.78 11.44
N VAL B 489 -16.13 -60.97 11.02
CA VAL B 489 -17.57 -61.13 10.77
C VAL B 489 -18.38 -60.98 12.05
N ARG B 490 -17.84 -61.45 13.18
CA ARG B 490 -18.57 -61.29 14.43
C ARG B 490 -18.66 -59.82 14.84
N PHE B 491 -17.63 -59.02 14.52
CA PHE B 491 -17.60 -57.61 14.90
C PHE B 491 -18.55 -56.77 14.05
N ILE B 492 -18.38 -56.81 12.73
CA ILE B 492 -19.37 -56.23 11.85
C ILE B 492 -20.58 -57.13 11.85
N GLY B 493 -21.76 -56.54 11.69
CA GLY B 493 -22.93 -57.42 11.73
C GLY B 493 -22.85 -58.59 10.77
N VAL B 494 -23.40 -59.74 11.11
CA VAL B 494 -23.53 -60.78 10.09
C VAL B 494 -24.41 -60.26 8.96
N GLN B 495 -25.44 -59.48 9.31
CA GLN B 495 -26.24 -58.78 8.31
C GLN B 495 -25.36 -57.92 7.40
N ARG B 496 -24.35 -57.27 7.97
CA ARG B 496 -23.45 -56.40 7.21
C ARG B 496 -22.52 -57.22 6.31
N PHE B 497 -22.01 -58.35 6.83
CA PHE B 497 -21.14 -59.20 6.02
C PHE B 497 -21.90 -59.83 4.86
N ALA B 498 -23.21 -60.06 5.03
CA ALA B 498 -24.01 -60.57 3.92
C ALA B 498 -24.21 -59.48 2.86
N GLU B 499 -24.65 -58.30 3.30
CA GLU B 499 -24.84 -57.19 2.37
C GLU B 499 -23.54 -56.85 1.64
N MET B 500 -22.41 -56.89 2.36
CA MET B 500 -21.12 -56.59 1.77
C MET B 500 -20.74 -57.57 0.67
N VAL B 501 -20.32 -58.73 1.06
CA VAL B 501 -19.96 -59.70 0.10
C VAL B 501 -21.25 -60.24 -0.47
N GLY B 502 -21.26 -60.39 -1.77
CA GLY B 502 -22.37 -60.97 -2.47
C GLY B 502 -23.79 -60.67 -2.08
N ALA B 503 -24.59 -61.71 -2.03
CA ALA B 503 -25.97 -61.54 -1.72
C ALA B 503 -26.23 -61.70 -0.26
N PRO B 504 -27.10 -60.84 0.22
CA PRO B 504 -27.51 -60.69 1.61
C PRO B 504 -28.52 -61.65 2.11
N GLU B 505 -29.26 -62.23 1.21
CA GLU B 505 -30.24 -63.20 1.71
C GLU B 505 -29.58 -64.32 2.52
N ASP B 506 -28.28 -64.55 2.35
CA ASP B 506 -27.59 -65.56 3.13
C ASP B 506 -27.21 -65.08 4.53
N ALA B 507 -27.75 -63.95 4.98
CA ALA B 507 -27.46 -63.47 6.33
C ALA B 507 -27.82 -64.47 7.42
N PRO B 508 -28.99 -65.12 7.37
CA PRO B 508 -29.28 -66.16 8.38
C PRO B 508 -28.32 -67.34 8.32
N LEU B 509 -27.93 -67.76 7.11
CA LEU B 509 -26.99 -68.86 7.00
C LEU B 509 -25.68 -68.53 7.71
N PHE B 510 -25.10 -67.37 7.41
CA PHE B 510 -23.84 -67.00 8.05
C PHE B 510 -23.94 -67.00 9.56
N GLN B 511 -25.06 -66.52 10.11
CA GLN B 511 -25.21 -66.55 11.56
C GLN B 511 -25.15 -67.98 12.09
N GLU B 512 -25.85 -68.90 11.41
CA GLU B 512 -25.77 -70.32 11.78
C GLU B 512 -24.38 -70.86 11.52
N ALA B 513 -23.85 -70.61 10.32
CA ALA B 513 -22.48 -71.02 10.05
C ALA B 513 -21.60 -70.41 11.13
N LEU B 514 -21.73 -69.09 11.35
CA LEU B 514 -20.89 -68.41 12.33
C LEU B 514 -21.03 -69.02 13.72
N GLN B 515 -22.25 -69.09 14.24
CA GLN B 515 -22.43 -69.57 15.60
C GLN B 515 -22.01 -71.02 15.74
N GLN B 516 -22.02 -71.76 14.64
CA GLN B 516 -21.77 -73.19 14.59
C GLN B 516 -20.40 -73.55 14.03
N GLY B 517 -19.41 -72.67 14.12
CA GLY B 517 -18.08 -72.95 13.61
C GLY B 517 -18.11 -72.89 12.10
N ASN B 518 -17.59 -73.88 11.41
CA ASN B 518 -17.76 -73.96 9.96
C ASN B 518 -17.30 -72.66 9.30
N THR B 519 -16.04 -72.30 9.57
CA THR B 519 -15.52 -71.07 8.99
C THR B 519 -15.29 -71.18 7.49
N ILE B 520 -15.62 -72.32 6.89
CA ILE B 520 -15.45 -72.49 5.45
C ILE B 520 -16.50 -71.69 4.69
N VAL B 521 -17.71 -71.56 5.25
CA VAL B 521 -18.76 -70.80 4.57
C VAL B 521 -18.40 -69.33 4.53
N LEU B 522 -17.86 -68.81 5.63
CA LEU B 522 -17.40 -67.42 5.68
C LEU B 522 -16.25 -67.22 4.69
N THR B 523 -15.25 -68.09 4.74
CA THR B 523 -14.10 -68.01 3.82
C THR B 523 -14.55 -67.94 2.37
N ASN B 524 -15.31 -68.95 1.93
CA ASN B 524 -15.72 -69.06 0.54
C ASN B 524 -16.69 -67.96 0.16
N ALA B 525 -17.61 -67.60 1.05
CA ALA B 525 -18.50 -66.48 0.76
C ALA B 525 -17.72 -65.22 0.46
N LEU B 526 -16.65 -64.95 1.23
CA LEU B 526 -15.83 -63.76 1.01
C LEU B 526 -14.99 -63.88 -0.27
N VAL B 527 -14.23 -64.98 -0.38
CA VAL B 527 -13.39 -65.17 -1.55
C VAL B 527 -14.22 -65.15 -2.83
N ALA B 528 -15.42 -65.76 -2.78
CA ALA B 528 -16.25 -65.88 -3.98
C ALA B 528 -16.64 -64.52 -4.53
N TYR B 529 -16.83 -63.60 -3.62
CA TYR B 529 -17.15 -62.22 -3.95
C TYR B 529 -15.91 -61.49 -4.39
N LEU B 530 -14.76 -61.96 -3.95
CA LEU B 530 -13.52 -61.39 -4.37
C LEU B 530 -13.02 -61.80 -5.72
N VAL B 531 -12.68 -63.07 -5.88
CA VAL B 531 -12.46 -63.62 -7.19
C VAL B 531 -13.86 -63.84 -7.68
N HIS B 532 -14.20 -63.20 -8.77
CA HIS B 532 -15.54 -63.24 -9.26
C HIS B 532 -16.06 -64.63 -9.48
N GLY B 533 -17.21 -64.87 -8.87
CA GLY B 533 -17.91 -66.15 -8.93
C GLY B 533 -17.39 -67.23 -8.03
N MET B 534 -18.27 -67.98 -7.39
CA MET B 534 -17.72 -69.01 -6.53
C MET B 534 -17.25 -70.24 -7.31
N ASP B 535 -17.51 -70.30 -8.61
CA ASP B 535 -16.80 -71.23 -9.48
C ASP B 535 -15.31 -70.90 -9.52
N ASN B 536 -15.06 -69.60 -9.61
CA ASN B 536 -13.74 -69.06 -9.64
C ASN B 536 -13.02 -69.45 -8.40
N VAL B 537 -13.73 -69.59 -7.28
CA VAL B 537 -13.09 -70.00 -6.02
C VAL B 537 -12.61 -71.44 -6.01
N SER B 538 -13.27 -72.27 -6.83
CA SER B 538 -12.95 -73.66 -7.12
C SER B 538 -11.57 -74.15 -6.72
N ARG B 539 -10.55 -73.57 -7.32
CA ARG B 539 -9.20 -73.92 -6.97
C ARG B 539 -8.58 -72.66 -6.53
N LEU B 540 -8.04 -72.70 -5.34
CA LEU B 540 -7.27 -71.61 -4.85
C LEU B 540 -6.33 -72.21 -3.83
N ASN B 541 -5.05 -72.03 -4.11
CA ASN B 541 -3.95 -72.47 -3.29
C ASN B 541 -4.27 -71.93 -1.92
N SER B 542 -4.43 -72.84 -0.94
CA SER B 542 -4.78 -72.43 0.40
C SER B 542 -3.92 -71.30 0.94
N SER B 543 -2.62 -71.47 0.85
CA SER B 543 -1.74 -70.45 1.33
C SER B 543 -1.98 -69.16 0.59
N GLU B 544 -2.63 -69.25 -0.56
CA GLU B 544 -2.96 -68.05 -1.24
C GLU B 544 -4.31 -67.57 -0.74
N LYS B 545 -5.22 -68.49 -0.47
CA LYS B 545 -6.54 -68.07 -0.04
C LYS B 545 -6.51 -67.27 1.24
N GLU B 546 -5.72 -67.77 2.18
CA GLU B 546 -5.57 -67.15 3.45
C GLU B 546 -4.96 -65.85 3.10
N ASN B 547 -3.99 -65.92 2.23
CA ASN B 547 -3.28 -64.70 1.84
C ASN B 547 -4.22 -63.73 1.13
N LEU B 548 -5.30 -64.22 0.52
CA LEU B 548 -6.24 -63.34 -0.15
C LEU B 548 -7.17 -62.64 0.82
N ILE B 549 -7.59 -63.33 1.88
CA ILE B 549 -8.49 -62.73 2.86
C ILE B 549 -7.74 -61.75 3.76
N LYS B 550 -6.44 -61.96 3.97
CA LYS B 550 -5.67 -61.02 4.78
C LYS B 550 -5.70 -59.63 4.17
N LYS B 551 -5.49 -59.54 2.85
CA LYS B 551 -5.54 -58.23 2.19
C LYS B 551 -6.88 -57.55 2.40
N TYR B 552 -7.96 -58.27 2.13
CA TYR B 552 -9.29 -57.67 2.27
C TYR B 552 -9.52 -57.15 3.68
N LEU B 553 -9.13 -57.94 4.68
CA LEU B 553 -9.36 -57.54 6.08
C LEU B 553 -8.57 -56.29 6.41
N GLY B 554 -7.31 -56.22 5.98
CA GLY B 554 -6.53 -55.01 6.16
C GLY B 554 -7.16 -53.80 5.49
N THR B 555 -7.70 -53.98 4.28
CA THR B 555 -8.29 -52.85 3.57
C THR B 555 -9.51 -52.31 4.31
N GLN B 556 -10.31 -53.21 4.89
CA GLN B 556 -11.48 -52.77 5.65
C GLN B 556 -11.08 -52.09 6.94
N LEU B 557 -10.00 -52.59 7.56
CA LEU B 557 -9.48 -51.97 8.78
C LEU B 557 -8.95 -50.56 8.51
N SER B 558 -8.27 -50.39 7.40
CA SER B 558 -7.73 -49.10 7.01
C SER B 558 -8.77 -48.09 6.80
N LEU B 559 -9.94 -48.53 6.37
CA LEU B 559 -11.03 -47.64 6.17
C LEU B 559 -11.54 -47.09 7.45
N LEU B 560 -11.45 -47.83 8.53
CA LEU B 560 -11.87 -47.32 9.77
C LEU B 560 -10.73 -46.61 10.49
N TYR B 561 -9.51 -47.04 10.34
CA TYR B 561 -8.40 -46.42 11.02
C TYR B 561 -8.14 -45.00 10.61
N LYS B 562 -8.19 -44.73 9.32
CA LYS B 562 -7.96 -43.41 8.76
C LYS B 562 -8.71 -42.31 9.43
N PRO B 563 -9.98 -42.50 9.63
CA PRO B 563 -10.84 -41.54 10.31
C PRO B 563 -10.72 -41.60 11.81
N LEU B 564 -10.05 -42.60 12.33
CA LEU B 564 -9.79 -42.71 13.71
C LEU B 564 -8.59 -41.88 14.15
N VAL B 565 -7.91 -41.23 13.23
CA VAL B 565 -6.95 -40.26 13.53
C VAL B 565 -7.42 -38.98 12.85
N MET B 566 -7.98 -39.04 11.65
CA MET B 566 -8.30 -37.84 10.94
C MET B 566 -9.45 -37.07 11.46
N GLU B 567 -10.44 -37.71 11.98
CA GLU B 567 -11.59 -37.02 12.50
C GLU B 567 -11.45 -36.57 13.91
N PHE B 568 -10.37 -36.91 14.56
CA PHE B 568 -10.20 -36.59 15.93
C PHE B 568 -9.11 -35.61 16.18
N SER B 569 -8.02 -35.74 15.46
CA SER B 569 -6.92 -34.87 15.64
C SER B 569 -6.44 -34.23 14.36
N GLY B 570 -6.81 -34.79 13.24
CA GLY B 570 -6.38 -34.30 11.97
C GLY B 570 -7.16 -33.26 11.24
N PRO B 571 -7.00 -33.23 9.94
CA PRO B 571 -7.63 -32.26 9.09
C PRO B 571 -9.13 -32.31 9.03
N CYS B 572 -9.75 -33.43 9.28
CA CYS B 572 -11.18 -33.47 9.28
C CYS B 572 -11.73 -32.90 10.54
N ALA B 573 -11.01 -33.01 11.62
CA ALA B 573 -11.42 -32.46 12.88
C ALA B 573 -11.21 -30.98 12.84
N VAL B 574 -10.16 -30.53 12.18
CA VAL B 574 -9.96 -29.09 12.03
C VAL B 574 -11.01 -28.50 11.11
N THR B 575 -11.29 -29.18 10.01
CA THR B 575 -12.33 -28.76 9.07
C THR B 575 -13.68 -28.62 9.77
N ARG B 576 -14.00 -29.55 10.66
CA ARG B 576 -15.29 -29.49 11.34
C ARG B 576 -15.40 -28.23 12.17
N GLU B 577 -14.28 -27.72 12.67
CA GLU B 577 -14.29 -26.48 13.41
C GLU B 577 -14.36 -25.26 12.51
N ILE B 578 -14.07 -25.40 11.22
CA ILE B 578 -14.05 -24.25 10.33
C ILE B 578 -15.38 -24.14 9.60
N LEU B 579 -16.05 -25.27 9.42
CA LEU B 579 -17.23 -25.30 8.56
C LEU B 579 -18.30 -24.29 8.94
N PRO B 580 -18.58 -24.02 10.21
CA PRO B 580 -19.60 -23.00 10.54
C PRO B 580 -19.41 -21.67 9.81
N LEU B 581 -18.17 -21.36 9.40
CA LEU B 581 -17.92 -20.15 8.64
C LEU B 581 -18.60 -20.16 7.26
N LEU B 582 -18.98 -21.29 6.75
CA LEU B 582 -19.61 -21.29 5.48
C LEU B 582 -21.11 -21.20 5.60
N PRO B 583 -21.70 -20.49 4.67
CA PRO B 583 -23.11 -20.15 4.64
C PRO B 583 -24.15 -21.19 4.88
N THR B 584 -23.93 -22.45 4.62
CA THR B 584 -24.94 -23.47 4.89
C THR B 584 -26.47 -23.37 4.70
N GLY B 585 -26.96 -22.46 3.88
CA GLY B 585 -28.18 -22.52 3.12
C GLY B 585 -27.95 -22.90 1.70
N GLU B 586 -27.26 -22.04 1.01
CA GLU B 586 -27.01 -22.23 -0.40
C GLU B 586 -25.60 -22.57 -0.72
N PRO B 587 -25.47 -23.40 -1.70
CA PRO B 587 -24.19 -23.86 -2.18
C PRO B 587 -23.33 -22.76 -2.68
N THR B 588 -22.06 -23.00 -2.57
CA THR B 588 -21.06 -22.01 -2.97
C THR B 588 -20.68 -22.34 -4.40
N ARG B 589 -21.00 -21.44 -5.32
CA ARG B 589 -20.65 -21.58 -6.72
C ARG B 589 -19.52 -20.63 -7.07
N TYR B 590 -18.74 -21.01 -8.07
CA TYR B 590 -17.62 -20.19 -8.51
C TYR B 590 -18.11 -19.13 -9.49
N ILE B 591 -18.10 -17.87 -9.06
CA ILE B 591 -18.34 -16.72 -9.95
C ILE B 591 -16.99 -16.09 -10.27
N GLU B 592 -16.64 -16.03 -11.54
CA GLU B 592 -15.26 -15.80 -11.95
C GLU B 592 -14.93 -14.32 -12.18
N ASN B 593 -15.91 -13.50 -12.52
CA ASN B 593 -15.68 -12.09 -12.82
C ASN B 593 -16.64 -11.23 -12.01
N LEU B 594 -16.73 -11.52 -10.73
CA LEU B 594 -17.55 -10.71 -9.83
C LEU B 594 -16.88 -9.36 -9.61
N LYS B 595 -17.61 -8.28 -9.84
CA LYS B 595 -17.05 -6.95 -9.63
C LYS B 595 -16.35 -6.85 -8.27
N GLN B 596 -17.08 -7.16 -7.20
CA GLN B 596 -16.51 -7.18 -5.85
C GLN B 596 -16.32 -8.62 -5.40
N PRO B 597 -15.17 -9.25 -5.67
CA PRO B 597 -15.02 -10.68 -5.31
C PRO B 597 -15.04 -10.94 -3.82
N ASP B 598 -14.69 -9.97 -2.98
CA ASP B 598 -14.70 -10.18 -1.54
C ASP B 598 -16.11 -10.17 -0.97
N ALA B 599 -17.12 -10.34 -1.82
CA ALA B 599 -18.47 -10.60 -1.32
C ALA B 599 -18.72 -12.08 -1.08
N GLN B 600 -17.93 -12.97 -1.69
CA GLN B 600 -18.03 -14.42 -1.49
C GLN B 600 -16.94 -14.90 -0.54
N ILE B 601 -17.35 -15.62 0.51
CA ILE B 601 -16.40 -16.01 1.55
C ILE B 601 -15.28 -16.89 1.00
N LEU B 602 -15.52 -17.63 -0.08
CA LEU B 602 -14.45 -18.46 -0.61
C LEU B 602 -13.33 -17.62 -1.19
N ARG B 603 -13.69 -16.52 -1.86
CA ARG B 603 -12.67 -15.62 -2.38
C ARG B 603 -11.96 -14.88 -1.24
N VAL B 604 -12.65 -14.62 -0.13
CA VAL B 604 -12.00 -14.04 1.03
C VAL B 604 -10.99 -15.04 1.63
N LEU B 605 -11.39 -16.31 1.77
CA LEU B 605 -10.42 -17.30 2.24
C LEU B 605 -9.25 -17.38 1.26
N GLN B 606 -9.55 -17.50 -0.04
CA GLN B 606 -8.48 -17.76 -1.00
C GLN B 606 -7.40 -16.69 -0.93
N THR B 607 -7.80 -15.44 -0.76
CA THR B 607 -6.89 -14.31 -0.88
C THR B 607 -6.26 -13.93 0.44
N HIS B 608 -6.92 -14.22 1.57
CA HIS B 608 -6.55 -13.63 2.84
C HIS B 608 -6.32 -14.60 3.98
N ALA B 609 -6.65 -15.87 3.85
CA ALA B 609 -6.55 -16.73 5.03
C ALA B 609 -6.00 -18.12 4.71
N CYS B 610 -5.23 -18.28 3.62
CA CYS B 610 -4.64 -19.57 3.30
C CYS B 610 -3.17 -19.37 2.92
N VAL B 611 -2.41 -20.47 2.85
CA VAL B 611 -0.98 -20.37 2.60
C VAL B 611 -0.64 -20.15 1.13
N ALA B 612 -1.62 -20.29 0.24
CA ALA B 612 -1.34 -20.14 -1.19
C ALA B 612 -0.69 -18.79 -1.48
N GLY B 613 0.47 -18.83 -2.13
CA GLY B 613 1.22 -17.62 -2.43
C GLY B 613 1.92 -17.01 -1.23
N LYS B 614 2.07 -17.75 -0.14
CA LYS B 614 2.75 -17.26 1.05
C LYS B 614 3.86 -18.17 1.53
N THR B 615 4.12 -19.29 0.84
CA THR B 615 5.19 -20.19 1.19
C THR B 615 5.86 -20.69 -0.07
N ASN B 616 7.05 -21.23 0.10
CA ASN B 616 7.74 -21.92 -0.97
C ASN B 616 7.41 -23.41 -1.01
N PHE B 617 6.62 -23.89 -0.05
CA PHE B 617 6.28 -25.30 0.02
C PHE B 617 5.13 -25.62 -0.94
N THR B 618 5.24 -26.79 -1.60
CA THR B 618 4.25 -27.22 -2.59
C THR B 618 3.61 -28.50 -2.09
N SER B 619 2.29 -28.48 -1.98
CA SER B 619 1.52 -29.63 -1.56
C SER B 619 0.60 -30.06 -2.69
N ASP B 620 0.47 -31.37 -2.86
CA ASP B 620 -0.51 -31.95 -3.78
C ASP B 620 -1.48 -32.87 -3.04
N ASN B 621 -1.49 -32.82 -1.71
CA ASN B 621 -2.43 -33.65 -0.96
C ASN B 621 -3.85 -33.16 -1.12
N ILE B 622 -4.04 -31.87 -1.41
CA ILE B 622 -5.37 -31.34 -1.71
C ILE B 622 -5.27 -30.46 -2.95
N PRO B 623 -6.37 -30.26 -3.68
CA PRO B 623 -6.30 -29.50 -4.92
C PRO B 623 -5.96 -28.04 -4.67
N ASN B 624 -5.36 -27.41 -5.69
CA ASN B 624 -5.21 -25.96 -5.70
C ASN B 624 -6.58 -25.31 -5.77
N TRP B 625 -6.63 -23.97 -5.78
CA TRP B 625 -7.92 -23.30 -5.76
C TRP B 625 -8.65 -23.44 -7.09
N ILE B 626 -9.98 -23.59 -7.01
CA ILE B 626 -10.88 -23.69 -8.14
C ILE B 626 -10.32 -24.57 -9.25
N THR B 627 -9.94 -25.80 -8.91
CA THR B 627 -9.47 -26.74 -9.90
C THR B 627 -10.63 -27.59 -10.40
N SER B 628 -10.67 -27.78 -11.71
CA SER B 628 -11.77 -28.49 -12.34
C SER B 628 -11.89 -29.90 -11.78
N SER B 629 -13.13 -30.40 -11.76
CA SER B 629 -13.40 -31.73 -11.22
C SER B 629 -12.55 -32.80 -11.91
N GLU B 630 -12.38 -32.69 -13.23
CA GLU B 630 -11.59 -33.66 -13.97
C GLU B 630 -10.14 -33.71 -13.47
N GLU B 631 -9.64 -32.60 -12.92
CA GLU B 631 -8.30 -32.45 -12.33
C GLU B 631 -7.37 -31.71 -13.29
N LEU B 643 1.04 -42.58 2.68
CA LEU B 643 0.39 -42.65 3.98
C LEU B 643 1.15 -43.55 4.94
N SER B 644 2.26 -43.01 5.45
CA SER B 644 3.23 -43.72 6.28
C SER B 644 2.74 -44.03 7.69
N TRP B 645 1.60 -43.47 8.10
CA TRP B 645 1.09 -43.64 9.46
C TRP B 645 -0.07 -44.63 9.54
N MET B 646 -0.49 -45.21 8.41
CA MET B 646 -1.57 -46.18 8.40
C MET B 646 -1.11 -47.51 9.00
N PRO B 647 -2.05 -48.38 9.38
CA PRO B 647 -1.70 -49.54 10.23
C PRO B 647 -0.52 -50.37 9.75
N SER B 648 -0.22 -50.41 8.46
CA SER B 648 0.99 -51.10 8.04
C SER B 648 2.22 -50.52 8.74
N GLU B 649 2.45 -49.20 8.61
CA GLU B 649 3.61 -48.54 9.19
C GLU B 649 4.91 -49.21 8.74
N1 UPG C . 12.04 14.81 4.79
C2 UPG C . 12.31 13.44 4.95
N3 UPG C . 12.95 12.94 6.05
C4 UPG C . 13.36 13.81 7.01
C5 UPG C . 13.09 15.19 6.84
C6 UPG C . 12.44 15.65 5.73
O2 UPG C . 11.90 12.73 4.01
O4 UPG C . 13.97 13.46 8.07
C1C UPG C . 11.35 15.31 3.58
C2C UPG C . 9.83 15.02 3.54
O2C UPG C . 9.28 14.74 2.26
C3C UPG C . 9.26 16.30 4.08
C4C UPG C . 10.16 17.30 3.41
O4C UPG C . 11.43 16.71 3.47
O3C UPG C . 7.89 16.44 3.83
C5C UPG C . 10.14 18.68 4.01
O5C UPG C . 10.35 18.74 5.39
PA UPG C . 10.03 20.09 6.11
O1A UPG C . 10.53 19.86 7.43
O2A UPG C . 8.64 20.50 5.99
O3A UPG C . 11.01 21.17 5.51
PB UPG C . 10.69 22.42 4.61
O1B UPG C . 11.64 23.46 4.81
O2B UPG C . 9.29 22.70 4.85
O3B UPG C . 10.99 21.83 3.17
C1' UPG C . 11.12 22.56 1.99
C2' UPG C . 10.07 22.13 0.98
C3' UPG C . 10.26 20.65 0.71
C4' UPG C . 11.65 20.45 0.14
C5' UPG C . 12.68 20.95 1.13
C6' UPG C . 14.08 20.85 0.56
O2' UPG C . 8.77 22.35 1.47
O3' UPG C . 9.20 20.23 -0.14
O4' UPG C . 11.94 19.08 -0.20
O5' UPG C . 12.41 22.28 1.50
O6' UPG C . 14.28 21.65 -0.57
HN3 UPG C . 13.15 11.85 6.16
H5 UPG C . 13.36 16.00 7.53
H6 UPG C . 12.28 16.73 5.67
H1C UPG C . 11.92 14.89 2.72
H2C UPG C . 9.50 14.21 4.20
HO2C UPG C . 9.55 15.37 1.57
H3C UPG C . 9.40 16.33 5.18
H4C UPG C . 9.90 17.43 2.34
HO3C UPG C . 7.39 15.99 4.53
H5C1 UPG C . 10.85 19.34 3.51
H5C2 UPG C . 9.14 19.08 3.78
H1' UPG C . 11.02 23.64 2.19
H2' UPG C . 10.19 22.73 0.05
H3' UPG C . 10.19 20.06 1.63
H4' UPG C . 11.76 21.02 -0.80
H5' UPG C . 12.65 20.35 2.06
H6'1 UPG C . 14.82 21.10 1.32
H6'2 UPG C . 14.27 19.80 0.28
HO2' UPG C . 8.15 22.38 0.74
HO3' UPG C . 8.95 19.33 0.10
HO4' UPG C . 11.81 18.47 0.55
HO6' UPG C . 13.90 21.21 -1.35
N1 UPG D . 4.21 -38.96 11.47
C2 UPG D . 5.10 -39.32 12.51
N3 UPG D . 5.66 -40.56 12.62
C4 UPG D . 5.35 -41.50 11.68
C5 UPG D . 4.47 -41.15 10.64
C6 UPG D . 3.93 -39.89 10.58
O2 UPG D . 5.29 -38.40 13.30
O4 UPG D . 5.80 -42.69 11.70
C1C UPG D . 3.61 -37.61 11.37
C2C UPG D . 4.58 -36.54 10.82
O2C UPG D . 4.44 -35.23 11.34
C3C UPG D . 4.25 -36.55 9.35
C4C UPG D . 2.73 -36.59 9.45
O4C UPG D . 2.49 -37.52 10.50
O3C UPG D . 4.80 -35.48 8.66
C5C UPG D . 2.03 -36.97 8.14
O5C UPG D . 2.38 -38.22 7.63
PA UPG D . 2.16 -38.62 6.15
O1A UPG D . 2.91 -39.85 6.08
O2A UPG D . 2.48 -37.49 5.27
O3A UPG D . 0.61 -38.90 6.00
PB UPG D . -0.46 -37.91 5.39
O1B UPG D . 0.15 -37.15 4.28
O2B UPG D . -1.65 -38.71 5.23
O3B UPG D . -0.82 -37.02 6.60
C1' UPG D . -2.06 -36.41 6.84
C2' UPG D . -1.78 -34.95 7.12
C3' UPG D . -0.96 -34.84 8.42
C4' UPG D . -1.73 -35.52 9.54
C5' UPG D . -2.03 -36.97 9.18
C6' UPG D . -2.88 -37.65 10.23
O2' UPG D . -1.14 -34.35 6.00
O3' UPG D . -0.65 -33.50 8.72
O4' UPG D . -1.06 -35.46 10.81
O5' UPG D . -2.68 -37.01 7.94
O6' UPG D . -4.10 -37.00 10.41
HN3 UPG D . 6.34 -40.80 13.46
H5 UPG D . 4.13 -41.80 9.83
H6 UPG D . 3.26 -39.71 9.74
H1C UPG D . 3.23 -37.37 12.39
H2C UPG D . 5.66 -36.79 10.91
HO2C UPG D . 3.52 -34.92 11.37
H3C UPG D . 4.64 -37.48 8.89
H4C UPG D . 2.32 -35.60 9.72
HO3C UPG D . 5.73 -35.68 8.46
H5C1 UPG D . 0.95 -36.94 8.30
H5C2 UPG D . 2.25 -36.20 7.38
H1' UPG D . -2.72 -36.53 5.95
H2' UPG D . -2.73 -34.41 7.27
H3' UPG D . -0.02 -35.40 8.28
H4' UPG D . -2.69 -34.98 9.70
H5' UPG D . -1.09 -37.53 9.09
H6'1 UPG D . -2.33 -37.62 11.18
H6'2 UPG D . -3.04 -38.70 10.00
HO2' UPG D . -1.80 -34.19 5.30
HO3' UPG D . 0.20 -33.27 8.32
HO4' UPG D . -0.17 -35.87 10.78
HO6' UPG D . -4.52 -37.31 11.23
#